data_4TLG
#
_entry.id   4TLG
#
_cell.length_a   74.185
_cell.length_b   79.495
_cell.length_c   82.395
_cell.angle_alpha   90.00
_cell.angle_beta   95.18
_cell.angle_gamma   90.00
#
_symmetry.space_group_name_H-M   'P 1 21 1'
#
loop_
_entity.id
_entity.type
_entity.pdbx_description
1 polymer 'SEC14-like protein 4'
2 non-polymer 1,2-ETHANEDIOL
3 non-polymer 'UNDECANOIC ACID'
4 water water
#
_entity_poly.entity_id   1
_entity_poly.type   'polypeptide(L)'
_entity_poly.pdbx_seq_one_letter_code
;SMSSRVGDLSPQQQEALARFRENLQDLLPILPNADDYFLLRWLRARNFDLQKSEDMLRRHMEFRKQQDLDNIVTWQPPEV
IQLYDSGGLCGYDYEGCPVYFNIIGSLDPKGLLLSASKQDMIRKRIKVCELLLHECELQTQKLGRKIEMALMVFDMEGLS
LKHLWKPAVEVYQQFFSILEANYPETLKNLIVIRAPKLFPVAFNLVKSFMSEETRRKIVILGDNWKQELTKFISPDQLPV
EFGGTMTDPDGNPKCLTKINYGGEVPKSYYLCEQVRLQYEHTRSVGRGSSLQVENEILFPGCVLRWQFASDGGDIGFGVF
LKTKMGEQQSAREMTEVLPSQRYNAHMVPEDGSLTCLQAGVYVLRFDNTYSRMHAKKLSYTVEVLLPDKASEETLQSMRP
SPTQ
;
_entity_poly.pdbx_strand_id   A,B
#
# COMPACT_ATOMS: atom_id res chain seq x y z
N SER A 4 -14.22 6.95 29.31
CA SER A 4 -15.18 7.73 28.45
C SER A 4 -16.46 6.93 28.18
N ARG A 5 -17.20 6.61 29.24
CA ARG A 5 -18.36 5.72 29.15
C ARG A 5 -19.65 6.36 29.66
N VAL A 6 -20.77 5.67 29.38
CA VAL A 6 -22.10 6.11 29.84
C VAL A 6 -22.07 6.40 31.33
N GLY A 7 -22.62 7.55 31.72
CA GLY A 7 -22.54 8.04 33.09
C GLY A 7 -21.57 9.20 33.17
N ASP A 8 -20.27 8.90 33.18
CA ASP A 8 -19.25 9.94 33.29
C ASP A 8 -18.58 10.28 31.96
N LEU A 9 -19.33 11.00 31.12
CA LEU A 9 -18.76 11.74 30.01
C LEU A 9 -18.46 13.16 30.49
N SER A 10 -17.38 13.76 30.00
CA SER A 10 -17.17 15.19 30.17
C SER A 10 -18.17 15.94 29.29
N PRO A 11 -18.31 17.26 29.49
CA PRO A 11 -19.18 18.00 28.59
C PRO A 11 -18.69 17.93 27.14
N GLN A 12 -17.38 17.98 26.95
CA GLN A 12 -16.76 17.78 25.64
C GLN A 12 -17.26 16.50 25.01
N GLN A 13 -17.22 15.44 25.80
CA GLN A 13 -17.66 14.12 25.34
C GLN A 13 -19.17 14.05 25.15
N GLN A 14 -19.94 14.67 26.04
CA GLN A 14 -21.40 14.65 25.93
C GLN A 14 -21.87 15.40 24.68
N GLU A 15 -21.19 16.50 24.35
CA GLU A 15 -21.49 17.28 23.15
C GLU A 15 -21.10 16.49 21.88
N ALA A 16 -19.97 15.79 21.97
CA ALA A 16 -19.49 14.94 20.88
C ALA A 16 -20.50 13.84 20.59
N LEU A 17 -20.94 13.16 21.64
CA LEU A 17 -21.97 12.13 21.49
C LEU A 17 -23.25 12.65 20.86
N ALA A 18 -23.74 13.81 21.33
CA ALA A 18 -24.96 14.42 20.79
C ALA A 18 -24.81 14.73 19.29
N ARG A 19 -23.66 15.30 18.91
CA ARG A 19 -23.40 15.61 17.51
C ARG A 19 -23.35 14.35 16.66
N PHE A 20 -22.67 13.34 17.18
CA PHE A 20 -22.53 12.04 16.51
C PHE A 20 -23.92 11.47 16.23
N ARG A 21 -24.77 11.50 17.25
CA ARG A 21 -26.15 11.05 17.13
C ARG A 21 -26.88 11.82 16.03
N GLU A 22 -26.70 13.13 16.01
CA GLU A 22 -27.27 13.98 14.95
C GLU A 22 -26.73 13.61 13.56
N ASN A 23 -25.42 13.37 13.48
CA ASN A 23 -24.79 13.03 12.19
C ASN A 23 -25.21 11.65 11.62
N LEU A 24 -25.76 10.79 12.48
CA LEU A 24 -26.16 9.42 12.11
C LEU A 24 -27.68 9.21 11.97
N GLN A 25 -28.43 10.30 11.83
CA GLN A 25 -29.89 10.25 11.84
C GLN A 25 -30.45 9.29 10.78
N ASP A 26 -29.81 9.26 9.62
CA ASP A 26 -30.25 8.37 8.54
C ASP A 26 -30.14 6.89 8.92
N LEU A 27 -29.14 6.55 9.74
CA LEU A 27 -28.84 5.16 10.09
C LEU A 27 -29.50 4.66 11.37
N LEU A 28 -29.99 5.53 12.24
CA LEU A 28 -30.47 5.07 13.56
C LEU A 28 -31.43 3.87 13.52
N PRO A 29 -32.42 3.87 12.60
CA PRO A 29 -33.41 2.76 12.54
C PRO A 29 -32.83 1.41 12.16
N ILE A 30 -31.65 1.39 11.52
CA ILE A 30 -31.06 0.14 11.11
C ILE A 30 -29.81 -0.27 11.90
N LEU A 31 -29.38 0.55 12.86
CA LEU A 31 -28.26 0.16 13.72
C LEU A 31 -28.61 -1.09 14.53
N PRO A 32 -27.60 -1.94 14.82
CA PRO A 32 -27.80 -3.07 15.71
C PRO A 32 -28.47 -2.64 17.04
N ASN A 33 -28.04 -1.50 17.56
CA ASN A 33 -28.71 -0.84 18.67
C ASN A 33 -28.39 0.65 18.53
N ALA A 34 -29.37 1.50 18.76
CA ALA A 34 -29.21 2.93 18.62
C ALA A 34 -28.97 3.63 19.96
N ASP A 35 -28.73 2.87 21.03
CA ASP A 35 -28.50 3.45 22.37
C ASP A 35 -27.10 4.07 22.49
N ASP A 36 -26.86 4.81 23.57
CA ASP A 36 -25.57 5.49 23.79
C ASP A 36 -24.44 4.49 23.93
N TYR A 37 -24.72 3.33 24.53
CA TYR A 37 -23.70 2.28 24.66
C TYR A 37 -23.11 1.90 23.31
N PHE A 38 -23.97 1.66 22.33
CA PHE A 38 -23.53 1.31 20.99
C PHE A 38 -22.68 2.42 20.38
N LEU A 39 -23.20 3.64 20.37
CA LEU A 39 -22.51 4.79 19.77
C LEU A 39 -21.14 5.05 20.38
N LEU A 40 -21.06 4.91 21.70
CA LEU A 40 -19.83 5.20 22.41
C LEU A 40 -18.66 4.22 22.08
N ARG A 41 -18.97 3.00 21.66
CA ARG A 41 -17.91 2.07 21.22
C ARG A 41 -17.13 2.63 20.03
N TRP A 42 -17.85 3.25 19.08
CA TRP A 42 -17.24 3.79 17.86
C TRP A 42 -16.46 5.07 18.19
N LEU A 43 -17.04 5.90 19.06
CA LEU A 43 -16.38 7.11 19.50
C LEU A 43 -15.08 6.79 20.25
N ARG A 44 -15.12 5.86 21.19
CA ARG A 44 -13.89 5.52 21.94
C ARG A 44 -12.81 4.95 21.02
N ALA A 45 -13.21 4.15 20.04
CA ALA A 45 -12.27 3.52 19.10
C ALA A 45 -11.53 4.55 18.23
N ARG A 46 -12.08 5.75 18.10
CA ARG A 46 -11.41 6.81 17.34
C ARG A 46 -11.26 8.12 18.13
N ASN A 47 -11.10 7.97 19.46
CA ASN A 47 -10.80 9.08 20.36
C ASN A 47 -11.72 10.29 20.18
N PHE A 48 -13.00 10.01 19.98
CA PHE A 48 -14.05 11.01 19.80
C PHE A 48 -13.89 11.92 18.58
N ASP A 49 -13.01 11.54 17.65
CA ASP A 49 -12.94 12.24 16.36
C ASP A 49 -14.22 11.91 15.61
N LEU A 50 -15.09 12.91 15.50
CA LEU A 50 -16.44 12.72 14.96
C LEU A 50 -16.40 12.16 13.55
N GLN A 51 -15.46 12.65 12.74
CA GLN A 51 -15.37 12.16 11.37
C GLN A 51 -14.89 10.71 11.26
N LYS A 52 -13.79 10.40 11.95
CA LYS A 52 -13.23 9.05 11.91
C LYS A 52 -14.23 8.05 12.52
N SER A 53 -14.90 8.45 13.61
CA SER A 53 -15.87 7.56 14.26
C SER A 53 -17.05 7.24 13.35
N GLU A 54 -17.49 8.26 12.62
CA GLU A 54 -18.55 8.10 11.65
C GLU A 54 -18.10 7.23 10.47
N ASP A 55 -16.90 7.48 9.97
CA ASP A 55 -16.35 6.64 8.91
C ASP A 55 -16.30 5.18 9.36
N MET A 56 -15.82 4.93 10.59
CA MET A 56 -15.68 3.57 11.07
C MET A 56 -17.06 2.88 11.14
N LEU A 57 -18.03 3.56 11.75
CA LEU A 57 -19.38 3.01 11.86
C LEU A 57 -20.06 2.81 10.49
N ARG A 58 -19.97 3.79 9.60
CA ARG A 58 -20.59 3.64 8.27
C ARG A 58 -19.93 2.52 7.45
N ARG A 59 -18.62 2.34 7.57
CA ARG A 59 -17.96 1.19 6.95
C ARG A 59 -18.54 -0.12 7.50
N HIS A 60 -18.75 -0.18 8.81
CA HIS A 60 -19.37 -1.37 9.41
C HIS A 60 -20.75 -1.63 8.85
N MET A 61 -21.54 -0.57 8.73
CA MET A 61 -22.89 -0.70 8.24
C MET A 61 -22.92 -1.18 6.79
N GLU A 62 -21.94 -0.75 5.98
CA GLU A 62 -21.84 -1.28 4.63
C GLU A 62 -21.48 -2.77 4.65
N PHE A 63 -20.58 -3.15 5.56
CA PHE A 63 -20.22 -4.56 5.76
C PHE A 63 -21.43 -5.39 6.20
N ARG A 64 -22.30 -4.85 7.04
CA ARG A 64 -23.51 -5.57 7.45
C ARG A 64 -24.41 -5.88 6.25
N LYS A 65 -24.53 -4.91 5.35
CA LYS A 65 -25.33 -5.06 4.12
C LYS A 65 -24.68 -6.07 3.20
N GLN A 66 -23.40 -5.87 2.93
CA GLN A 66 -22.68 -6.78 2.02
C GLN A 66 -22.72 -8.24 2.50
N GLN A 67 -22.67 -8.48 3.81
CA GLN A 67 -22.60 -9.83 4.32
C GLN A 67 -23.92 -10.35 4.88
N ASP A 68 -24.99 -9.60 4.69
CA ASP A 68 -26.31 -9.96 5.25
C ASP A 68 -26.22 -10.36 6.74
N LEU A 69 -25.58 -9.53 7.55
CA LEU A 69 -25.26 -9.90 8.94
C LEU A 69 -26.46 -9.93 9.87
N ASP A 70 -27.49 -9.17 9.57
CA ASP A 70 -28.72 -9.26 10.38
C ASP A 70 -29.32 -10.68 10.32
N ASN A 71 -29.09 -11.40 9.22
CA ASN A 71 -29.62 -12.78 9.05
C ASN A 71 -28.60 -13.91 9.19
N ILE A 72 -27.36 -13.58 9.55
CA ILE A 72 -26.31 -14.58 9.64
C ILE A 72 -26.57 -15.61 10.75
N VAL A 73 -27.43 -15.26 11.73
CA VAL A 73 -27.71 -16.18 12.84
C VAL A 73 -28.47 -17.44 12.39
N THR A 74 -29.09 -17.39 11.21
CA THR A 74 -29.70 -18.58 10.61
C THR A 74 -28.92 -19.12 9.40
N TRP A 75 -27.75 -18.56 9.12
CA TRP A 75 -26.90 -19.08 8.03
C TRP A 75 -26.27 -20.41 8.43
N GLN A 76 -26.38 -21.39 7.54
CA GLN A 76 -25.84 -22.71 7.76
C GLN A 76 -24.55 -22.88 6.96
N PRO A 77 -23.44 -23.12 7.66
CA PRO A 77 -22.19 -23.32 6.90
C PRO A 77 -22.15 -24.68 6.23
N PRO A 78 -21.16 -24.92 5.34
CA PRO A 78 -20.94 -26.28 4.83
C PRO A 78 -20.79 -27.31 5.94
N GLU A 79 -21.18 -28.56 5.62
CA GLU A 79 -21.12 -29.66 6.59
C GLU A 79 -19.77 -29.75 7.31
N VAL A 80 -18.66 -29.63 6.56
CA VAL A 80 -17.35 -29.80 7.16
C VAL A 80 -17.10 -28.75 8.25
N ILE A 81 -17.57 -27.52 8.02
CA ILE A 81 -17.43 -26.45 9.02
C ILE A 81 -18.39 -26.68 10.23
N GLN A 82 -19.64 -27.07 9.96
CA GLN A 82 -20.58 -27.44 11.04
C GLN A 82 -20.00 -28.53 11.94
N LEU A 83 -19.36 -29.53 11.35
CA LEU A 83 -18.86 -30.67 12.14
C LEU A 83 -17.47 -30.49 12.76
N TYR A 84 -16.57 -29.74 12.11
CA TYR A 84 -15.16 -29.70 12.54
C TYR A 84 -14.58 -28.32 12.88
N ASP A 85 -15.32 -27.25 12.64
CA ASP A 85 -14.84 -25.91 12.97
C ASP A 85 -15.22 -25.63 14.44
N SER A 86 -14.22 -25.60 15.28
CA SER A 86 -14.40 -25.71 16.73
C SER A 86 -14.93 -24.45 17.43
N GLY A 87 -15.32 -24.63 18.68
CA GLY A 87 -15.76 -23.54 19.52
C GLY A 87 -17.21 -23.66 19.94
N GLY A 88 -17.60 -22.86 20.92
CA GLY A 88 -19.01 -22.72 21.24
C GLY A 88 -19.29 -21.78 22.38
N LEU A 89 -20.54 -21.28 22.40
CA LEU A 89 -21.01 -20.45 23.50
C LEU A 89 -21.43 -21.35 24.64
N CYS A 90 -20.95 -21.09 25.83
CA CYS A 90 -21.35 -21.91 26.98
C CYS A 90 -21.12 -21.16 28.29
N GLY A 91 -22.22 -20.86 28.99
CA GLY A 91 -22.15 -20.22 30.29
C GLY A 91 -22.01 -18.71 30.26
N TYR A 92 -22.01 -18.13 31.45
CA TYR A 92 -21.93 -16.68 31.66
C TYR A 92 -20.99 -16.44 32.82
N ASP A 93 -20.27 -15.32 32.78
CA ASP A 93 -19.33 -14.98 33.84
C ASP A 93 -20.09 -14.38 35.02
N TYR A 94 -19.37 -13.98 36.07
CA TYR A 94 -20.03 -13.52 37.30
C TYR A 94 -20.93 -12.30 37.08
N GLU A 95 -20.57 -11.43 36.13
CA GLU A 95 -21.35 -10.24 35.81
C GLU A 95 -22.57 -10.60 34.93
N GLY A 96 -22.52 -11.76 34.29
CA GLY A 96 -23.58 -12.22 33.39
C GLY A 96 -23.22 -12.08 31.92
N CYS A 97 -21.93 -11.82 31.63
CA CYS A 97 -21.45 -11.72 30.25
C CYS A 97 -21.38 -13.14 29.65
N PRO A 98 -21.84 -13.32 28.41
CA PRO A 98 -21.72 -14.65 27.82
C PRO A 98 -20.25 -15.04 27.59
N VAL A 99 -19.97 -16.34 27.74
CA VAL A 99 -18.66 -16.91 27.55
C VAL A 99 -18.63 -17.69 26.24
N TYR A 100 -17.55 -17.53 25.49
CA TYR A 100 -17.31 -18.31 24.27
C TYR A 100 -15.96 -19.04 24.44
N PHE A 101 -15.97 -20.34 24.17
CA PHE A 101 -14.76 -21.15 24.12
C PHE A 101 -14.25 -21.29 22.69
N ASN A 102 -13.01 -20.85 22.47
CA ASN A 102 -12.35 -20.98 21.20
C ASN A 102 -11.33 -22.10 21.33
N ILE A 103 -11.60 -23.25 20.72
CA ILE A 103 -10.76 -24.44 20.91
C ILE A 103 -9.73 -24.49 19.77
N ILE A 104 -8.76 -23.59 19.83
CA ILE A 104 -7.76 -23.46 18.76
C ILE A 104 -6.85 -24.69 18.60
N GLY A 105 -6.37 -25.25 19.71
CA GLY A 105 -5.38 -26.31 19.65
C GLY A 105 -5.84 -27.58 18.95
N SER A 106 -7.14 -27.86 19.02
CA SER A 106 -7.75 -29.03 18.41
C SER A 106 -8.27 -28.77 17.01
N LEU A 107 -8.19 -27.51 16.55
CA LEU A 107 -8.66 -27.16 15.22
C LEU A 107 -7.71 -27.72 14.17
N ASP A 108 -8.28 -28.10 13.03
CA ASP A 108 -7.53 -28.58 11.85
C ASP A 108 -7.80 -27.57 10.73
N PRO A 109 -7.22 -26.35 10.83
CA PRO A 109 -7.54 -25.32 9.84
C PRO A 109 -7.07 -25.68 8.43
N LYS A 110 -5.99 -26.47 8.32
CA LYS A 110 -5.56 -26.93 7.00
C LYS A 110 -6.62 -27.82 6.35
N GLY A 111 -7.09 -28.83 7.07
CA GLY A 111 -8.17 -29.68 6.56
C GLY A 111 -9.43 -28.91 6.22
N LEU A 112 -9.78 -27.94 7.07
CA LEU A 112 -10.94 -27.08 6.78
C LEU A 112 -10.76 -26.28 5.50
N LEU A 113 -9.59 -25.68 5.31
CA LEU A 113 -9.37 -24.85 4.12
C LEU A 113 -9.23 -25.67 2.84
N LEU A 114 -8.85 -26.93 2.97
CA LEU A 114 -8.81 -27.84 1.81
C LEU A 114 -10.21 -28.41 1.47
N SER A 115 -11.16 -28.20 2.39
CA SER A 115 -12.54 -28.73 2.25
C SER A 115 -13.64 -27.67 2.11
N ALA A 116 -13.26 -26.40 2.19
CA ALA A 116 -14.20 -25.26 2.24
C ALA A 116 -13.43 -23.97 1.94
N SER A 117 -14.11 -22.83 1.99
CA SER A 117 -13.48 -21.58 1.60
C SER A 117 -13.05 -20.75 2.83
N LYS A 118 -12.08 -19.88 2.62
CA LYS A 118 -11.72 -18.86 3.61
C LYS A 118 -12.97 -18.02 3.96
N GLN A 119 -13.77 -17.73 2.95
CA GLN A 119 -14.98 -16.94 3.10
C GLN A 119 -15.97 -17.60 4.09
N ASP A 120 -16.18 -18.91 3.95
CA ASP A 120 -17.06 -19.62 4.87
C ASP A 120 -16.47 -19.72 6.30
N MET A 121 -15.16 -19.89 6.42
CA MET A 121 -14.50 -19.93 7.74
C MET A 121 -14.63 -18.57 8.45
N ILE A 122 -14.46 -17.49 7.69
CA ILE A 122 -14.60 -16.14 8.24
C ILE A 122 -16.07 -15.88 8.60
N ARG A 123 -17.00 -16.32 7.76
CA ARG A 123 -18.43 -16.09 8.02
C ARG A 123 -18.88 -16.85 9.27
N LYS A 124 -18.33 -18.04 9.49
CA LYS A 124 -18.60 -18.78 10.73
C LYS A 124 -18.18 -17.97 11.95
N ARG A 125 -17.02 -17.31 11.86
CA ARG A 125 -16.49 -16.53 12.98
C ARG A 125 -17.27 -15.22 13.21
N ILE A 126 -17.68 -14.58 12.12
CA ILE A 126 -18.57 -13.43 12.20
C ILE A 126 -19.92 -13.83 12.84
N LYS A 127 -20.43 -14.99 12.47
CA LYS A 127 -21.67 -15.52 13.05
C LYS A 127 -21.55 -15.63 14.56
N VAL A 128 -20.43 -16.16 15.04
CA VAL A 128 -20.15 -16.21 16.48
C VAL A 128 -20.22 -14.81 17.12
N CYS A 129 -19.62 -13.81 16.48
CA CYS A 129 -19.69 -12.43 17.01
C CYS A 129 -21.14 -11.93 17.15
N GLU A 130 -21.93 -12.14 16.11
CA GLU A 130 -23.33 -11.76 16.12
C GLU A 130 -24.13 -12.55 17.17
N LEU A 131 -23.88 -13.86 17.28
CA LEU A 131 -24.55 -14.67 18.32
C LEU A 131 -24.25 -14.14 19.73
N LEU A 132 -22.98 -13.81 19.96
CA LEU A 132 -22.58 -13.25 21.26
C LEU A 132 -23.27 -11.92 21.55
N LEU A 133 -23.36 -11.05 20.54
CA LEU A 133 -24.05 -9.77 20.70
C LEU A 133 -25.54 -9.94 21.01
N HIS A 134 -26.18 -10.92 20.34
CA HIS A 134 -27.58 -11.27 20.61
CA HIS A 134 -27.58 -11.22 20.61
C HIS A 134 -27.72 -11.74 22.04
N GLU A 135 -26.78 -12.57 22.48
CA GLU A 135 -26.80 -13.09 23.84
C GLU A 135 -26.61 -11.96 24.87
N CYS A 136 -25.77 -10.96 24.55
CA CYS A 136 -25.59 -9.79 25.44
C CYS A 136 -26.91 -9.02 25.59
N GLU A 137 -27.65 -8.89 24.49
CA GLU A 137 -28.93 -8.20 24.52
C GLU A 137 -29.96 -8.96 25.33
N LEU A 138 -30.01 -10.27 25.14
CA LEU A 138 -30.92 -11.10 25.92
C LEU A 138 -30.59 -11.02 27.44
N GLN A 139 -29.31 -11.08 27.77
CA GLN A 139 -28.86 -10.92 29.15
C GLN A 139 -29.23 -9.54 29.73
N THR A 140 -29.06 -8.50 28.94
CA THR A 140 -29.47 -7.16 29.32
C THR A 140 -30.94 -7.14 29.72
N GLN A 141 -31.78 -7.76 28.90
CA GLN A 141 -33.21 -7.78 29.15
C GLN A 141 -33.57 -8.61 30.38
N LYS A 142 -32.85 -9.70 30.57
CA LYS A 142 -33.10 -10.62 31.67
C LYS A 142 -32.65 -10.05 33.00
N LEU A 143 -31.52 -9.36 33.00
CA LEU A 143 -30.91 -8.86 34.21
C LEU A 143 -31.29 -7.41 34.55
N GLY A 144 -31.91 -6.70 33.61
CA GLY A 144 -32.27 -5.29 33.84
C GLY A 144 -31.07 -4.36 33.99
N ARG A 145 -29.94 -4.72 33.40
CA ARG A 145 -28.78 -3.83 33.34
C ARG A 145 -27.95 -4.18 32.12
N LYS A 146 -27.17 -3.22 31.64
CA LYS A 146 -26.51 -3.36 30.34
C LYS A 146 -25.34 -4.33 30.38
N ILE A 147 -25.44 -5.37 29.55
CA ILE A 147 -24.35 -6.31 29.35
C ILE A 147 -23.82 -6.00 27.97
N GLU A 148 -22.57 -5.56 27.91
CA GLU A 148 -21.96 -4.98 26.71
C GLU A 148 -20.92 -5.88 26.02
N MET A 149 -20.35 -6.84 26.73
CA MET A 149 -19.21 -7.60 26.22
C MET A 149 -19.33 -9.08 26.54
N ALA A 150 -18.52 -9.87 25.82
CA ALA A 150 -18.37 -11.29 26.09
C ALA A 150 -16.98 -11.59 26.64
N LEU A 151 -16.87 -12.74 27.29
CA LEU A 151 -15.60 -13.27 27.77
C LEU A 151 -15.20 -14.40 26.83
N MET A 152 -13.97 -14.38 26.32
CA MET A 152 -13.49 -15.43 25.43
CA MET A 152 -13.51 -15.43 25.44
C MET A 152 -12.36 -16.21 26.07
N VAL A 153 -12.48 -17.54 26.04
CA VAL A 153 -11.44 -18.46 26.52
C VAL A 153 -10.81 -19.15 25.31
N PHE A 154 -9.48 -19.11 25.24
CA PHE A 154 -8.72 -19.71 24.13
C PHE A 154 -7.96 -20.93 24.63
N ASP A 155 -8.41 -22.10 24.22
CA ASP A 155 -7.77 -23.35 24.64
C ASP A 155 -6.71 -23.75 23.62
N MET A 156 -5.46 -23.71 24.06
CA MET A 156 -4.32 -23.90 23.16
C MET A 156 -3.80 -25.34 23.19
N GLU A 157 -4.44 -26.24 23.93
CA GLU A 157 -3.99 -27.63 24.00
CA GLU A 157 -3.99 -27.63 24.00
C GLU A 157 -3.98 -28.26 22.60
N GLY A 158 -2.80 -28.74 22.19
CA GLY A 158 -2.63 -29.30 20.86
C GLY A 158 -2.00 -28.40 19.84
N LEU A 159 -1.81 -27.12 20.18
CA LEU A 159 -1.21 -26.18 19.24
C LEU A 159 0.14 -26.74 18.73
N SER A 160 0.35 -26.66 17.41
CA SER A 160 1.38 -27.40 16.73
C SER A 160 1.97 -26.55 15.61
N LEU A 161 3.16 -26.91 15.14
CA LEU A 161 3.69 -26.35 13.92
C LEU A 161 2.68 -26.45 12.79
N LYS A 162 1.84 -27.48 12.82
CA LYS A 162 0.82 -27.65 11.80
C LYS A 162 -0.12 -26.43 11.70
N HIS A 163 -0.38 -25.77 12.83
CA HIS A 163 -1.28 -24.59 12.88
C HIS A 163 -0.67 -23.36 12.24
N LEU A 164 0.64 -23.38 11.98
CA LEU A 164 1.33 -22.21 11.43
C LEU A 164 1.36 -22.20 9.89
N TRP A 165 0.69 -23.15 9.26
CA TRP A 165 0.51 -23.18 7.80
C TRP A 165 0.04 -21.79 7.36
N LYS A 166 0.78 -21.18 6.45
CA LYS A 166 0.61 -19.76 6.15
C LYS A 166 -0.85 -19.36 5.75
N PRO A 167 -1.51 -20.16 4.88
CA PRO A 167 -2.90 -19.83 4.60
C PRO A 167 -3.86 -19.89 5.80
N ALA A 168 -3.59 -20.76 6.77
CA ALA A 168 -4.43 -20.82 8.00
C ALA A 168 -4.19 -19.59 8.86
N VAL A 169 -2.93 -19.19 8.97
CA VAL A 169 -2.59 -17.99 9.74
C VAL A 169 -3.27 -16.73 9.14
N GLU A 170 -3.32 -16.66 7.83
CA GLU A 170 -3.97 -15.55 7.18
C GLU A 170 -5.47 -15.49 7.51
N VAL A 171 -6.11 -16.62 7.81
CA VAL A 171 -7.48 -16.65 8.35
C VAL A 171 -7.60 -15.93 9.67
N TYR A 172 -6.74 -16.27 10.62
CA TYR A 172 -6.85 -15.64 11.90
C TYR A 172 -6.45 -14.19 11.86
N GLN A 173 -5.47 -13.84 11.02
CA GLN A 173 -5.09 -12.44 10.88
C GLN A 173 -6.26 -11.60 10.32
N GLN A 174 -6.89 -12.09 9.25
CA GLN A 174 -8.02 -11.40 8.65
C GLN A 174 -9.17 -11.29 9.63
N PHE A 175 -9.40 -12.36 10.38
CA PHE A 175 -10.47 -12.33 11.36
C PHE A 175 -10.22 -11.28 12.43
N PHE A 176 -8.99 -11.23 12.98
CA PHE A 176 -8.71 -10.22 14.01
C PHE A 176 -8.88 -8.80 13.43
N SER A 177 -8.52 -8.58 12.16
CA SER A 177 -8.75 -7.26 11.52
C SER A 177 -10.23 -6.92 11.40
N ILE A 178 -11.02 -7.90 10.98
CA ILE A 178 -12.48 -7.74 10.94
C ILE A 178 -13.10 -7.45 12.31
N LEU A 179 -12.61 -8.14 13.34
CA LEU A 179 -13.09 -7.96 14.72
C LEU A 179 -12.86 -6.53 15.20
N GLU A 180 -11.68 -6.00 14.97
CA GLU A 180 -11.39 -4.64 15.43
C GLU A 180 -12.20 -3.61 14.65
N ALA A 181 -12.40 -3.84 13.35
CA ALA A 181 -13.10 -2.86 12.49
C ALA A 181 -14.61 -2.88 12.66
N ASN A 182 -15.17 -4.04 13.01
CA ASN A 182 -16.60 -4.25 13.03
C ASN A 182 -17.23 -4.53 14.39
N TYR A 183 -16.43 -5.01 15.35
CA TYR A 183 -16.90 -5.34 16.70
C TYR A 183 -16.01 -4.72 17.78
N PRO A 184 -15.75 -3.40 17.69
CA PRO A 184 -14.84 -2.78 18.66
C PRO A 184 -15.38 -2.90 20.08
N GLU A 185 -14.46 -3.19 21.00
CA GLU A 185 -14.72 -3.21 22.43
C GLU A 185 -15.90 -4.12 22.79
N THR A 186 -15.89 -5.32 22.23
CA THR A 186 -16.88 -6.34 22.54
C THR A 186 -16.38 -7.52 23.42
N LEU A 187 -15.08 -7.56 23.72
CA LEU A 187 -14.50 -8.60 24.57
C LEU A 187 -13.95 -7.99 25.85
N LYS A 188 -14.35 -8.59 26.97
CA LYS A 188 -13.97 -8.14 28.31
C LYS A 188 -12.55 -8.63 28.67
N ASN A 189 -12.30 -9.89 28.36
CA ASN A 189 -10.97 -10.48 28.49
C ASN A 189 -10.79 -11.62 27.49
N LEU A 190 -9.53 -11.89 27.18
CA LEU A 190 -9.15 -13.01 26.30
C LEU A 190 -8.25 -13.89 27.15
N ILE A 191 -8.82 -14.97 27.65
CA ILE A 191 -8.14 -15.83 28.61
C ILE A 191 -7.51 -17.03 27.88
N VAL A 192 -6.19 -17.13 27.96
CA VAL A 192 -5.45 -18.20 27.30
C VAL A 192 -5.09 -19.32 28.27
N ILE A 193 -5.50 -20.54 27.95
CA ILE A 193 -5.24 -21.72 28.80
C ILE A 193 -4.48 -22.78 28.03
N ARG A 194 -3.69 -23.56 28.76
CA ARG A 194 -2.95 -24.70 28.23
C ARG A 194 -2.00 -24.31 27.10
N ALA A 195 -1.42 -23.12 27.21
CA ALA A 195 -0.44 -22.68 26.19
C ALA A 195 0.81 -23.57 26.20
N PRO A 196 1.14 -24.19 25.05
CA PRO A 196 2.42 -24.95 24.99
C PRO A 196 3.61 -24.06 24.66
N LYS A 197 4.80 -24.66 24.54
CA LYS A 197 6.04 -23.92 24.27
C LYS A 197 5.96 -23.08 22.99
N LEU A 198 5.22 -23.58 22.01
CA LEU A 198 5.07 -22.86 20.73
C LEU A 198 4.26 -21.55 20.82
N PHE A 199 3.50 -21.35 21.89
CA PHE A 199 2.56 -20.22 21.93
C PHE A 199 3.18 -18.84 21.60
N PRO A 200 4.35 -18.48 22.19
CA PRO A 200 4.91 -17.16 21.87
C PRO A 200 5.19 -16.93 20.38
N VAL A 201 5.67 -17.95 19.70
CA VAL A 201 5.88 -17.85 18.26
C VAL A 201 4.55 -17.70 17.50
N ALA A 202 3.56 -18.51 17.87
CA ALA A 202 2.25 -18.44 17.23
C ALA A 202 1.59 -17.09 17.47
N PHE A 203 1.63 -16.62 18.72
CA PHE A 203 1.01 -15.35 19.07
C PHE A 203 1.64 -14.18 18.31
N ASN A 204 2.95 -14.24 18.10
CA ASN A 204 3.65 -13.18 17.37
C ASN A 204 3.14 -12.97 15.95
N LEU A 205 2.55 -14.01 15.36
CA LEU A 205 2.00 -13.92 14.01
C LEU A 205 0.69 -13.15 13.94
N VAL A 206 -0.07 -13.08 15.03
CA VAL A 206 -1.37 -12.42 15.01
C VAL A 206 -1.44 -11.12 15.81
N LYS A 207 -0.42 -10.88 16.64
CA LYS A 207 -0.51 -9.78 17.59
C LYS A 207 -0.66 -8.40 16.95
N SER A 208 -0.03 -8.18 15.79
N SER A 208 -0.03 -8.18 15.79
CA SER A 208 -0.11 -6.90 15.11
CA SER A 208 -0.13 -6.89 15.09
C SER A 208 -1.48 -6.61 14.46
C SER A 208 -1.49 -6.61 14.49
N PHE A 209 -2.33 -7.64 14.37
CA PHE A 209 -3.70 -7.53 13.84
C PHE A 209 -4.76 -7.23 14.89
N MET A 210 -4.40 -7.27 16.16
CA MET A 210 -5.30 -6.84 17.20
C MET A 210 -4.90 -5.44 17.74
N SER A 211 -5.84 -4.73 18.34
CA SER A 211 -5.55 -3.39 18.84
C SER A 211 -4.80 -3.53 20.14
N GLU A 212 -4.14 -2.46 20.56
CA GLU A 212 -3.41 -2.46 21.84
C GLU A 212 -4.37 -2.70 23.01
N GLU A 213 -5.57 -2.12 22.92
CA GLU A 213 -6.60 -2.33 23.96
C GLU A 213 -6.98 -3.82 24.08
N THR A 214 -7.19 -4.49 22.95
CA THR A 214 -7.45 -5.93 22.95
C THR A 214 -6.27 -6.70 23.53
N ARG A 215 -5.05 -6.36 23.12
CA ARG A 215 -3.86 -7.04 23.63
C ARG A 215 -3.75 -6.89 25.14
N ARG A 216 -4.08 -5.71 25.65
CA ARG A 216 -4.03 -5.47 27.09
C ARG A 216 -5.02 -6.31 27.90
N LYS A 217 -6.03 -6.87 27.23
CA LYS A 217 -7.05 -7.71 27.88
C LYS A 217 -6.73 -9.20 27.85
N ILE A 218 -5.56 -9.56 27.31
CA ILE A 218 -5.12 -10.95 27.28
C ILE A 218 -4.56 -11.35 28.64
N VAL A 219 -5.01 -12.51 29.10
CA VAL A 219 -4.61 -13.08 30.38
C VAL A 219 -4.14 -14.50 30.09
N ILE A 220 -2.86 -14.78 30.33
CA ILE A 220 -2.33 -16.12 30.19
C ILE A 220 -2.31 -16.85 31.54
N LEU A 221 -3.03 -17.97 31.64
CA LEU A 221 -3.10 -18.77 32.88
C LEU A 221 -2.05 -19.86 32.87
N GLY A 222 -1.71 -20.34 34.06
CA GLY A 222 -0.63 -21.31 34.24
C GLY A 222 -1.15 -22.70 34.55
N ASP A 223 -0.38 -23.47 35.32
CA ASP A 223 -0.74 -24.85 35.67
C ASP A 223 -2.01 -24.90 36.49
N ASN A 224 -2.28 -23.84 37.25
CA ASN A 224 -3.48 -23.78 38.10
C ASN A 224 -4.69 -23.15 37.40
N TRP A 225 -4.74 -23.27 36.06
CA TRP A 225 -5.75 -22.58 35.26
C TRP A 225 -7.21 -22.92 35.62
N LYS A 226 -7.47 -24.17 36.00
CA LYS A 226 -8.82 -24.57 36.40
C LYS A 226 -9.29 -23.73 37.57
N GLN A 227 -8.46 -23.64 38.61
CA GLN A 227 -8.81 -22.80 39.77
C GLN A 227 -8.86 -21.32 39.40
N GLU A 228 -7.89 -20.86 38.62
CA GLU A 228 -7.83 -19.47 38.20
C GLU A 228 -9.04 -19.05 37.34
N LEU A 229 -9.56 -19.95 36.51
CA LEU A 229 -10.76 -19.64 35.70
C LEU A 229 -11.98 -19.34 36.57
N THR A 230 -12.03 -19.92 37.76
CA THR A 230 -13.18 -19.70 38.62
C THR A 230 -13.17 -18.32 39.30
N LYS A 231 -12.08 -17.56 39.14
CA LYS A 231 -12.07 -16.15 39.50
C LYS A 231 -12.91 -15.31 38.51
N PHE A 232 -13.08 -15.81 37.28
CA PHE A 232 -13.86 -15.16 36.22
C PHE A 232 -15.29 -15.71 36.08
N ILE A 233 -15.44 -17.02 36.22
CA ILE A 233 -16.68 -17.74 35.90
C ILE A 233 -17.01 -18.69 37.05
N SER A 234 -18.29 -18.74 37.43
CA SER A 234 -18.74 -19.70 38.45
C SER A 234 -18.54 -21.15 37.99
N PRO A 235 -18.10 -22.07 38.89
CA PRO A 235 -18.00 -23.50 38.53
C PRO A 235 -19.25 -24.06 37.88
N ASP A 236 -20.43 -23.61 38.31
CA ASP A 236 -21.68 -24.13 37.79
CA ASP A 236 -21.67 -24.15 37.78
C ASP A 236 -22.04 -23.55 36.42
N GLN A 237 -21.24 -22.58 35.94
CA GLN A 237 -21.33 -22.02 34.58
C GLN A 237 -20.18 -22.50 33.66
N LEU A 238 -19.36 -23.43 34.12
CA LEU A 238 -18.16 -23.91 33.41
C LEU A 238 -18.28 -25.39 33.14
N PRO A 239 -17.95 -25.85 31.93
CA PRO A 239 -17.88 -27.31 31.77
C PRO A 239 -16.90 -27.97 32.73
N VAL A 240 -17.21 -29.21 33.11
CA VAL A 240 -16.25 -30.04 33.87
C VAL A 240 -14.88 -30.07 33.16
N GLU A 241 -14.88 -30.17 31.82
CA GLU A 241 -13.61 -30.15 31.04
C GLU A 241 -12.70 -28.98 31.44
N PHE A 242 -13.32 -27.85 31.77
CA PHE A 242 -12.58 -26.62 32.09
C PHE A 242 -12.61 -26.23 33.57
N GLY A 243 -12.91 -27.21 34.42
CA GLY A 243 -12.81 -27.07 35.85
C GLY A 243 -14.09 -26.83 36.60
N GLY A 244 -15.23 -26.86 35.91
CA GLY A 244 -16.53 -26.57 36.52
C GLY A 244 -17.35 -27.82 36.75
N THR A 245 -18.67 -27.65 36.78
CA THR A 245 -19.58 -28.76 37.05
C THR A 245 -20.62 -29.00 35.96
N MET A 246 -20.60 -28.23 34.87
CA MET A 246 -21.57 -28.40 33.81
C MET A 246 -21.22 -29.61 32.96
N THR A 247 -22.25 -30.37 32.59
CA THR A 247 -22.13 -31.47 31.65
C THR A 247 -23.23 -31.41 30.61
N ASP A 248 -23.08 -32.23 29.58
CA ASP A 248 -24.19 -32.55 28.67
C ASP A 248 -25.28 -33.32 29.43
N PRO A 249 -26.48 -33.47 28.84
CA PRO A 249 -27.51 -34.25 29.51
C PRO A 249 -27.09 -35.69 29.78
N ASP A 250 -26.24 -36.27 28.94
CA ASP A 250 -25.73 -37.64 29.16
C ASP A 250 -24.49 -37.70 30.08
N GLY A 251 -24.14 -36.58 30.70
CA GLY A 251 -23.02 -36.51 31.64
C GLY A 251 -21.66 -36.22 31.00
N ASN A 252 -21.62 -36.02 29.69
CA ASN A 252 -20.32 -35.75 29.06
C ASN A 252 -19.69 -34.46 29.59
N PRO A 253 -18.48 -34.54 30.19
CA PRO A 253 -17.85 -33.36 30.79
C PRO A 253 -17.44 -32.25 29.81
N LYS A 254 -17.41 -32.58 28.51
CA LYS A 254 -17.02 -31.60 27.49
C LYS A 254 -18.15 -30.67 27.05
N CYS A 255 -19.41 -30.97 27.40
CA CYS A 255 -20.54 -30.13 26.99
C CYS A 255 -20.59 -29.98 25.45
N LEU A 256 -20.52 -31.13 24.76
CA LEU A 256 -20.54 -31.25 23.30
C LEU A 256 -21.79 -30.70 22.64
N THR A 257 -22.89 -30.65 23.39
CA THR A 257 -24.11 -30.03 22.87
C THR A 257 -23.96 -28.51 22.73
N LYS A 258 -22.93 -27.91 23.36
CA LYS A 258 -22.67 -26.48 23.18
C LYS A 258 -21.33 -26.14 22.54
N ILE A 259 -20.33 -26.99 22.71
CA ILE A 259 -18.96 -26.71 22.29
C ILE A 259 -18.48 -27.80 21.34
N ASN A 260 -17.98 -27.37 20.19
CA ASN A 260 -17.36 -28.25 19.21
C ASN A 260 -15.86 -28.27 19.47
N TYR A 261 -15.27 -29.47 19.46
CA TYR A 261 -13.84 -29.64 19.78
C TYR A 261 -12.97 -29.92 18.56
N GLY A 262 -13.52 -29.70 17.37
CA GLY A 262 -12.70 -29.79 16.15
C GLY A 262 -12.27 -31.22 15.87
N GLY A 263 -10.96 -31.40 15.75
CA GLY A 263 -10.39 -32.68 15.37
C GLY A 263 -10.04 -32.74 13.90
N GLU A 264 -9.32 -33.79 13.53
CA GLU A 264 -8.85 -33.96 12.15
C GLU A 264 -10.01 -34.17 11.19
N VAL A 265 -10.02 -33.36 10.14
CA VAL A 265 -11.04 -33.44 9.10
C VAL A 265 -10.78 -34.70 8.27
N PRO A 266 -11.78 -35.60 8.16
CA PRO A 266 -11.54 -36.77 7.29
C PRO A 266 -11.25 -36.36 5.86
N LYS A 267 -10.33 -37.10 5.25
CA LYS A 267 -9.91 -36.84 3.90
C LYS A 267 -11.06 -36.81 2.89
N SER A 268 -12.13 -37.56 3.18
CA SER A 268 -13.32 -37.58 2.32
C SER A 268 -13.98 -36.20 2.11
N TYR A 269 -13.70 -35.23 2.99
CA TYR A 269 -14.23 -33.88 2.81
C TYR A 269 -13.39 -33.00 1.88
N TYR A 270 -12.16 -33.40 1.60
CA TYR A 270 -11.24 -32.51 0.88
C TYR A 270 -11.73 -32.29 -0.55
N LEU A 271 -11.63 -31.05 -1.00
CA LEU A 271 -11.97 -30.71 -2.38
C LEU A 271 -10.71 -30.39 -3.18
N CYS A 272 -9.57 -30.28 -2.50
CA CYS A 272 -8.28 -30.05 -3.11
C CYS A 272 -7.21 -30.42 -2.08
N GLU A 273 -5.92 -30.37 -2.44
CA GLU A 273 -4.86 -30.70 -1.48
C GLU A 273 -3.77 -29.62 -1.35
N GLN A 274 -3.95 -28.52 -2.08
CA GLN A 274 -3.14 -27.32 -1.88
C GLN A 274 -3.91 -26.13 -2.44
N VAL A 275 -3.54 -24.95 -1.97
CA VAL A 275 -4.17 -23.70 -2.38
C VAL A 275 -3.16 -22.83 -3.12
N ARG A 276 -3.62 -21.70 -3.65
CA ARG A 276 -2.74 -20.80 -4.40
C ARG A 276 -1.87 -20.03 -3.41
N LEU A 277 -0.57 -20.00 -3.66
CA LEU A 277 0.36 -19.28 -2.78
C LEU A 277 0.99 -18.09 -3.49
N GLN A 278 1.51 -17.15 -2.71
CA GLN A 278 2.30 -16.04 -3.24
C GLN A 278 3.71 -16.16 -2.68
N TYR A 279 4.71 -15.72 -3.44
CA TYR A 279 6.11 -15.92 -3.08
C TYR A 279 6.88 -14.60 -3.05
N GLU A 280 7.84 -14.51 -2.14
CA GLU A 280 8.65 -13.29 -1.95
CA GLU A 280 8.63 -13.29 -1.97
C GLU A 280 9.74 -13.15 -3.02
N HIS A 281 10.27 -14.28 -3.50
CA HIS A 281 11.43 -14.28 -4.40
C HIS A 281 11.28 -15.27 -5.56
N THR A 282 11.87 -14.94 -6.72
CA THR A 282 11.97 -15.87 -7.84
C THR A 282 13.42 -15.85 -8.33
N ARG A 283 14.03 -17.03 -8.45
CA ARG A 283 15.42 -17.15 -8.95
C ARG A 283 15.55 -18.35 -9.89
N SER A 284 16.50 -18.28 -10.82
CA SER A 284 16.83 -19.40 -11.68
C SER A 284 17.87 -20.27 -11.00
N VAL A 285 17.70 -21.58 -11.10
CA VAL A 285 18.71 -22.52 -10.64
C VAL A 285 19.22 -23.23 -11.89
N GLY A 286 20.50 -23.08 -12.19
CA GLY A 286 21.06 -23.60 -13.43
C GLY A 286 21.07 -25.12 -13.50
N ARG A 287 21.24 -25.63 -14.71
CA ARG A 287 21.45 -27.07 -14.87
C ARG A 287 22.65 -27.49 -13.99
N GLY A 288 22.53 -28.62 -13.32
CA GLY A 288 23.59 -29.17 -12.50
C GLY A 288 23.99 -28.30 -11.31
N SER A 289 23.12 -27.39 -10.90
CA SER A 289 23.49 -26.39 -9.91
C SER A 289 22.56 -26.48 -8.68
N SER A 290 22.77 -25.59 -7.71
CA SER A 290 21.97 -25.55 -6.49
C SER A 290 21.86 -24.10 -6.02
N LEU A 291 20.95 -23.85 -5.09
CA LEU A 291 20.76 -22.52 -4.53
C LEU A 291 20.61 -22.70 -3.01
N GLN A 292 21.35 -21.91 -2.23
CA GLN A 292 21.26 -21.92 -0.77
C GLN A 292 20.67 -20.63 -0.24
N VAL A 293 19.68 -20.77 0.64
CA VAL A 293 19.08 -19.63 1.35
C VAL A 293 19.41 -19.80 2.84
N GLU A 294 20.25 -18.89 3.35
CA GLU A 294 20.83 -18.98 4.69
C GLU A 294 20.16 -18.03 5.67
N ASN A 295 19.98 -18.49 6.91
CA ASN A 295 19.45 -17.67 7.99
C ASN A 295 20.15 -17.98 9.30
N GLU A 296 20.65 -16.93 9.94
CA GLU A 296 21.28 -17.07 11.25
C GLU A 296 20.21 -17.08 12.34
N ILE A 297 20.20 -18.15 13.14
CA ILE A 297 19.28 -18.34 14.27
C ILE A 297 20.09 -18.15 15.53
N LEU A 298 19.69 -17.20 16.37
CA LEU A 298 20.47 -16.84 17.52
C LEU A 298 20.14 -17.60 18.81
N PHE A 299 19.03 -18.35 18.80
CA PHE A 299 18.66 -19.16 19.96
C PHE A 299 17.67 -20.24 19.55
N PRO A 300 17.66 -21.35 20.30
CA PRO A 300 16.70 -22.42 19.99
C PRO A 300 15.28 -21.98 20.22
N GLY A 301 14.35 -22.54 19.47
CA GLY A 301 12.92 -22.20 19.59
C GLY A 301 12.37 -21.31 18.49
N CYS A 302 13.25 -20.62 17.77
CA CYS A 302 12.83 -19.99 16.53
C CYS A 302 12.32 -21.08 15.57
N VAL A 303 11.36 -20.71 14.72
CA VAL A 303 10.76 -21.65 13.75
C VAL A 303 11.10 -21.15 12.35
N LEU A 304 11.55 -22.07 11.50
CA LEU A 304 11.77 -21.79 10.09
C LEU A 304 10.53 -22.28 9.36
N ARG A 305 9.98 -21.44 8.52
CA ARG A 305 8.79 -21.81 7.72
C ARG A 305 9.04 -21.41 6.27
N TRP A 306 8.66 -22.29 5.34
CA TRP A 306 8.94 -22.07 3.94
C TRP A 306 7.79 -22.52 3.07
N GLN A 307 7.76 -21.96 1.85
CA GLN A 307 6.95 -22.47 0.76
C GLN A 307 7.64 -22.21 -0.58
N PHE A 308 7.45 -23.12 -1.53
CA PHE A 308 8.10 -22.96 -2.83
C PHE A 308 7.42 -23.68 -3.96
N ALA A 309 7.65 -23.15 -5.15
CA ALA A 309 7.20 -23.75 -6.41
C ALA A 309 8.32 -23.71 -7.43
N SER A 310 8.26 -24.61 -8.40
CA SER A 310 9.25 -24.63 -9.49
C SER A 310 8.56 -24.60 -10.85
N ASP A 311 9.33 -24.24 -11.86
CA ASP A 311 8.89 -24.30 -13.24
C ASP A 311 10.05 -24.86 -14.04
N GLY A 312 9.71 -25.74 -14.97
CA GLY A 312 10.71 -26.43 -15.80
C GLY A 312 10.99 -27.85 -15.36
N GLY A 313 10.31 -28.30 -14.32
CA GLY A 313 10.50 -29.62 -13.75
C GLY A 313 10.56 -29.53 -12.24
N ASP A 314 10.91 -30.64 -11.62
CA ASP A 314 10.93 -30.79 -10.15
C ASP A 314 12.15 -30.10 -9.53
N ILE A 315 12.28 -30.17 -8.21
CA ILE A 315 13.45 -29.62 -7.54
C ILE A 315 13.71 -30.43 -6.30
N GLY A 316 15.00 -30.61 -5.95
CA GLY A 316 15.36 -31.17 -4.65
C GLY A 316 15.35 -30.12 -3.54
N PHE A 317 15.03 -30.52 -2.33
CA PHE A 317 14.99 -29.60 -1.22
C PHE A 317 15.33 -30.34 0.05
N GLY A 318 16.22 -29.72 0.84
CA GLY A 318 16.54 -30.19 2.20
C GLY A 318 16.99 -29.03 3.08
N VAL A 319 17.13 -29.30 4.38
CA VAL A 319 17.57 -28.30 5.32
C VAL A 319 18.84 -28.78 6.00
N PHE A 320 19.81 -27.89 6.09
CA PHE A 320 21.13 -28.17 6.65
C PHE A 320 21.52 -27.12 7.68
N LEU A 321 22.53 -27.45 8.49
CA LEU A 321 23.06 -26.56 9.52
C LEU A 321 24.56 -26.45 9.31
N LYS A 322 25.07 -25.23 9.15
CA LYS A 322 26.52 -25.04 8.92
C LYS A 322 27.32 -25.49 10.14
N THR A 323 28.50 -26.04 9.86
CA THR A 323 29.44 -26.49 10.90
C THR A 323 30.56 -25.48 11.09
N LYS A 324 30.67 -24.53 10.16
CA LYS A 324 31.58 -23.40 10.30
C LYS A 324 30.91 -22.17 9.71
N MET A 325 30.93 -21.01 10.36
CA MET A 325 30.48 -19.73 9.74
CA MET A 325 30.49 -19.94 9.48
C MET A 325 31.61 -19.11 8.91
N GLY A 326 31.29 -18.31 7.90
CA GLY A 326 32.29 -17.88 6.91
C GLY A 326 31.78 -18.27 5.54
N GLU A 327 32.60 -18.98 4.77
CA GLU A 327 32.25 -19.33 3.38
C GLU A 327 31.08 -20.32 3.31
N GLN A 328 30.49 -20.43 2.11
CA GLN A 328 29.45 -21.41 1.85
C GLN A 328 30.04 -22.83 1.99
N GLN A 329 29.24 -23.72 2.55
CA GLN A 329 29.60 -25.11 2.69
C GLN A 329 28.72 -25.93 1.77
N SER A 330 29.25 -27.08 1.33
CA SER A 330 28.45 -28.02 0.54
C SER A 330 27.58 -28.88 1.45
N ALA A 331 26.63 -29.57 0.82
CA ALA A 331 25.76 -30.49 1.54
C ALA A 331 26.55 -31.61 2.21
N ARG A 332 27.70 -31.96 1.65
CA ARG A 332 28.60 -32.94 2.25
C ARG A 332 29.20 -32.51 3.62
N GLU A 333 29.37 -31.20 3.81
CA GLU A 333 30.09 -30.65 4.97
C GLU A 333 29.15 -30.22 6.09
N MET A 334 27.90 -29.93 5.75
CA MET A 334 26.93 -29.46 6.74
C MET A 334 26.20 -30.62 7.44
N THR A 335 25.64 -30.33 8.61
CA THR A 335 24.76 -31.27 9.27
C THR A 335 23.40 -31.29 8.56
N GLU A 336 22.92 -32.49 8.26
CA GLU A 336 21.64 -32.67 7.61
C GLU A 336 20.55 -32.60 8.69
N VAL A 337 19.69 -31.60 8.58
CA VAL A 337 18.60 -31.37 9.52
C VAL A 337 17.32 -32.07 9.02
N LEU A 338 16.97 -31.82 7.74
CA LEU A 338 15.84 -32.47 7.08
C LEU A 338 16.41 -33.04 5.80
N PRO A 339 16.41 -34.38 5.64
CA PRO A 339 17.00 -35.00 4.45
C PRO A 339 16.45 -34.43 3.13
N SER A 340 17.32 -34.19 2.17
CA SER A 340 16.93 -33.70 0.86
C SER A 340 16.17 -34.76 0.06
N GLN A 341 15.13 -34.33 -0.63
CA GLN A 341 14.32 -35.19 -1.49
C GLN A 341 13.88 -34.39 -2.66
N ARG A 342 13.50 -35.06 -3.75
CA ARG A 342 12.92 -34.40 -4.90
C ARG A 342 11.41 -34.22 -4.68
N TYR A 343 10.92 -33.02 -5.01
CA TYR A 343 9.49 -32.67 -4.92
C TYR A 343 8.98 -32.18 -6.27
N ASN A 344 7.75 -32.58 -6.61
CA ASN A 344 7.09 -32.09 -7.83
C ASN A 344 6.46 -30.72 -7.59
N ALA A 345 7.31 -29.74 -7.29
CA ALA A 345 6.86 -28.43 -6.90
C ALA A 345 6.42 -27.62 -8.12
N HIS A 346 6.64 -28.18 -9.31
CA HIS A 346 6.03 -27.69 -10.57
C HIS A 346 4.57 -28.09 -10.77
N MET A 347 4.10 -29.01 -9.94
CA MET A 347 2.75 -29.55 -10.01
C MET A 347 1.91 -29.14 -8.80
N VAL A 348 2.50 -29.30 -7.62
CA VAL A 348 1.89 -28.93 -6.34
C VAL A 348 2.94 -28.19 -5.51
N PRO A 349 2.67 -26.92 -5.16
CA PRO A 349 3.65 -26.19 -4.33
C PRO A 349 3.89 -26.90 -2.99
N GLU A 350 5.11 -26.74 -2.49
CA GLU A 350 5.55 -27.35 -1.24
C GLU A 350 5.59 -26.33 -0.13
N ASP A 351 5.35 -26.80 1.08
CA ASP A 351 5.53 -25.95 2.24
C ASP A 351 5.91 -26.81 3.43
N GLY A 352 6.39 -26.15 4.48
CA GLY A 352 6.77 -26.85 5.66
C GLY A 352 7.34 -25.94 6.72
N SER A 353 7.70 -26.53 7.84
CA SER A 353 8.32 -25.77 8.92
C SER A 353 9.07 -26.72 9.84
N LEU A 354 9.99 -26.15 10.61
CA LEU A 354 10.63 -26.89 11.68
C LEU A 354 11.06 -25.97 12.82
N THR A 355 11.19 -26.58 14.00
CA THR A 355 11.71 -25.88 15.17
C THR A 355 13.22 -25.99 15.19
N CYS A 356 13.88 -24.86 15.32
CA CYS A 356 15.34 -24.81 15.42
C CYS A 356 15.75 -25.21 16.85
N LEU A 357 16.49 -26.30 16.97
CA LEU A 357 16.88 -26.85 18.28
C LEU A 357 18.21 -26.32 18.75
N GLN A 358 18.92 -25.64 17.86
CA GLN A 358 20.18 -25.04 18.23
C GLN A 358 20.40 -23.72 17.50
N ALA A 359 21.21 -22.85 18.09
CA ALA A 359 21.64 -21.64 17.42
C ALA A 359 22.63 -22.02 16.35
N GLY A 360 22.61 -21.28 15.23
CA GLY A 360 23.50 -21.54 14.11
C GLY A 360 22.93 -21.00 12.82
N VAL A 361 23.57 -21.34 11.71
CA VAL A 361 23.14 -20.91 10.40
C VAL A 361 22.45 -22.07 9.71
N TYR A 362 21.13 -21.95 9.60
CA TYR A 362 20.28 -22.92 8.91
C TYR A 362 20.20 -22.57 7.42
N VAL A 363 20.38 -23.58 6.60
CA VAL A 363 20.46 -23.40 5.16
C VAL A 363 19.37 -24.25 4.49
N LEU A 364 18.48 -23.58 3.77
CA LEU A 364 17.55 -24.26 2.88
C LEU A 364 18.24 -24.39 1.53
N ARG A 365 18.43 -25.62 1.12
CA ARG A 365 19.17 -25.93 -0.11
C ARG A 365 18.24 -26.52 -1.17
N PHE A 366 18.16 -25.79 -2.29
CA PHE A 366 17.39 -26.21 -3.47
C PHE A 366 18.40 -26.86 -4.41
N ASP A 367 18.17 -28.15 -4.69
CA ASP A 367 19.13 -28.99 -5.38
C ASP A 367 18.63 -29.31 -6.81
N ASN A 368 19.39 -28.85 -7.81
CA ASN A 368 19.15 -29.23 -9.19
C ASN A 368 20.38 -29.94 -9.78
N THR A 369 21.25 -30.45 -8.91
CA THR A 369 22.53 -31.05 -9.33
C THR A 369 22.36 -32.32 -10.16
N TYR A 370 21.24 -33.00 -9.97
CA TYR A 370 20.90 -34.22 -10.71
C TYR A 370 20.36 -33.94 -12.14
N SER A 371 20.03 -32.69 -12.44
CA SER A 371 19.40 -32.30 -13.71
C SER A 371 20.44 -31.62 -14.61
N ARG A 372 21.17 -32.43 -15.36
CA ARG A 372 22.30 -31.93 -16.12
C ARG A 372 21.91 -31.12 -17.36
N MET A 373 20.72 -31.35 -17.90
CA MET A 373 20.27 -30.65 -19.11
C MET A 373 19.27 -29.53 -18.87
N HIS A 374 18.56 -29.54 -17.73
CA HIS A 374 17.42 -28.63 -17.55
C HIS A 374 17.55 -27.74 -16.32
N ALA A 375 17.52 -26.43 -16.56
CA ALA A 375 17.45 -25.46 -15.47
C ALA A 375 16.04 -25.35 -14.93
N LYS A 376 15.92 -24.75 -13.76
CA LYS A 376 14.62 -24.56 -13.12
C LYS A 376 14.46 -23.11 -12.73
N LYS A 377 13.22 -22.63 -12.78
CA LYS A 377 12.86 -21.37 -12.18
C LYS A 377 12.22 -21.70 -10.83
N LEU A 378 12.66 -21.04 -9.77
CA LEU A 378 12.15 -21.32 -8.43
C LEU A 378 11.55 -20.07 -7.81
N SER A 379 10.34 -20.19 -7.27
CA SER A 379 9.76 -19.12 -6.46
C SER A 379 9.62 -19.59 -5.02
N TYR A 380 9.95 -18.73 -4.06
CA TYR A 380 9.98 -19.14 -2.67
C TYR A 380 9.77 -18.02 -1.66
N THR A 381 9.36 -18.45 -0.47
CA THR A 381 9.35 -17.60 0.71
C THR A 381 9.94 -18.42 1.84
N VAL A 382 10.91 -17.83 2.53
CA VAL A 382 11.52 -18.46 3.69
C VAL A 382 11.51 -17.42 4.82
N GLU A 383 10.92 -17.78 5.96
CA GLU A 383 10.76 -16.89 7.08
C GLU A 383 11.28 -17.52 8.37
N VAL A 384 11.91 -16.68 9.21
CA VAL A 384 12.28 -17.04 10.58
C VAL A 384 11.23 -16.43 11.50
N LEU A 385 10.52 -17.30 12.23
CA LEU A 385 9.43 -16.87 13.12
C LEU A 385 9.95 -16.85 14.56
N LEU A 386 9.93 -15.65 15.15
CA LEU A 386 10.47 -15.39 16.48
C LEU A 386 9.37 -15.38 17.53
N PRO A 387 9.73 -15.64 18.79
CA PRO A 387 8.68 -15.58 19.83
C PRO A 387 8.35 -14.15 20.20
N ASP A 388 7.08 -13.92 20.54
CA ASP A 388 6.68 -12.69 21.20
C ASP A 388 7.36 -12.67 22.56
N LYS A 389 8.11 -11.62 22.85
CA LYS A 389 8.97 -11.60 24.05
C LYS A 389 8.20 -11.55 25.38
N ALA A 390 7.14 -10.77 25.41
CA ALA A 390 6.28 -10.71 26.61
C ALA A 390 5.65 -12.07 26.95
N SER A 391 5.10 -12.74 25.93
CA SER A 391 4.49 -14.08 26.09
C SER A 391 5.52 -15.08 26.58
N GLU A 392 6.71 -15.01 25.99
CA GLU A 392 7.79 -15.93 26.33
C GLU A 392 8.15 -15.77 27.81
N GLU A 393 8.34 -14.52 28.24
CA GLU A 393 8.70 -14.24 29.65
C GLU A 393 7.59 -14.72 30.59
N THR A 394 6.34 -14.48 30.21
CA THR A 394 5.21 -14.87 31.02
C THR A 394 5.18 -16.39 31.18
N LEU A 395 5.36 -17.12 30.09
CA LEU A 395 5.36 -18.57 30.17
C LEU A 395 6.53 -19.09 31.01
N GLN A 396 7.72 -18.51 30.85
CA GLN A 396 8.84 -18.83 31.73
C GLN A 396 8.48 -18.61 33.21
N SER A 397 7.76 -17.51 33.49
CA SER A 397 7.47 -17.09 34.88
C SER A 397 6.42 -17.97 35.58
N MET A 398 5.71 -18.79 34.80
CA MET A 398 4.73 -19.74 35.37
C MET A 398 5.28 -21.15 35.60
N ARG A 399 6.59 -21.32 35.43
CA ARG A 399 7.27 -22.60 35.63
C ARG A 399 6.73 -23.70 34.72
N ASP B 8 38.26 3.84 -14.13
CA ASP B 8 38.78 2.55 -13.56
C ASP B 8 37.99 2.15 -12.31
N LEU B 9 37.52 0.91 -12.29
CA LEU B 9 36.77 0.39 -11.15
C LEU B 9 37.73 -0.01 -10.02
N SER B 10 37.22 0.04 -8.78
CA SER B 10 37.93 -0.56 -7.66
C SER B 10 37.85 -2.09 -7.85
N PRO B 11 38.81 -2.83 -7.29
CA PRO B 11 38.71 -4.28 -7.31
C PRO B 11 37.36 -4.80 -6.80
N GLN B 12 36.82 -4.14 -5.76
CA GLN B 12 35.51 -4.45 -5.21
C GLN B 12 34.40 -4.29 -6.25
N GLN B 13 34.45 -3.17 -6.97
CA GLN B 13 33.49 -2.88 -8.03
C GLN B 13 33.67 -3.84 -9.20
N GLN B 14 34.92 -4.22 -9.46
CA GLN B 14 35.23 -5.20 -10.51
C GLN B 14 34.61 -6.56 -10.19
N GLU B 15 34.73 -6.98 -8.93
CA GLU B 15 34.11 -8.22 -8.41
C GLU B 15 32.59 -8.15 -8.45
N ALA B 16 32.02 -7.03 -8.01
CA ALA B 16 30.58 -6.81 -8.09
C ALA B 16 30.11 -6.96 -9.53
N LEU B 17 30.88 -6.43 -10.48
CA LEU B 17 30.50 -6.48 -11.91
C LEU B 17 30.54 -7.93 -12.39
N ALA B 18 31.57 -8.66 -11.95
CA ALA B 18 31.71 -10.07 -12.27
C ALA B 18 30.54 -10.88 -11.72
N ARG B 19 30.20 -10.66 -10.45
CA ARG B 19 29.09 -11.39 -9.82
C ARG B 19 27.74 -11.02 -10.45
N PHE B 20 27.53 -9.72 -10.69
CA PHE B 20 26.33 -9.24 -11.36
C PHE B 20 26.10 -9.99 -12.68
N ARG B 21 27.13 -9.98 -13.52
CA ARG B 21 27.07 -10.64 -14.82
C ARG B 21 26.74 -12.15 -14.72
N GLU B 22 27.30 -12.84 -13.73
CA GLU B 22 27.02 -14.28 -13.58
C GLU B 22 25.63 -14.51 -12.96
N ASN B 23 25.18 -13.57 -12.12
CA ASN B 23 23.82 -13.61 -11.58
C ASN B 23 22.76 -13.35 -12.63
N LEU B 24 23.16 -12.77 -13.76
CA LEU B 24 22.24 -12.43 -14.86
C LEU B 24 22.31 -13.43 -16.00
N GLN B 25 22.96 -14.57 -15.78
CA GLN B 25 23.19 -15.55 -16.85
C GLN B 25 21.89 -15.96 -17.54
N ASP B 26 20.81 -16.15 -16.77
CA ASP B 26 19.54 -16.57 -17.38
C ASP B 26 18.95 -15.55 -18.38
N LEU B 27 19.44 -14.31 -18.38
CA LEU B 27 18.97 -13.30 -19.35
C LEU B 27 19.79 -13.22 -20.64
N LEU B 28 20.71 -14.16 -20.84
CA LEU B 28 21.62 -14.12 -21.98
C LEU B 28 20.92 -14.01 -23.34
N PRO B 29 19.86 -14.81 -23.58
CA PRO B 29 19.20 -14.76 -24.89
C PRO B 29 18.61 -13.39 -25.28
N ILE B 30 18.14 -12.61 -24.31
CA ILE B 30 17.52 -11.30 -24.60
C ILE B 30 18.46 -10.12 -24.30
N LEU B 31 19.75 -10.39 -24.10
CA LEU B 31 20.77 -9.34 -24.00
C LEU B 31 22.07 -9.73 -24.67
N ALA B 34 24.32 -6.20 -22.63
CA ALA B 34 25.40 -6.39 -23.59
C ALA B 34 26.75 -6.37 -22.87
N ASP B 35 27.37 -5.19 -22.76
CA ASP B 35 28.75 -5.08 -22.27
C ASP B 35 28.82 -4.50 -20.85
N ASP B 36 30.04 -4.23 -20.38
CA ASP B 36 30.25 -3.73 -19.00
C ASP B 36 29.68 -2.34 -18.78
N TYR B 37 29.78 -1.47 -19.79
CA TYR B 37 29.21 -0.13 -19.73
C TYR B 37 27.71 -0.18 -19.42
N PHE B 38 27.01 -1.10 -20.10
CA PHE B 38 25.58 -1.27 -19.92
C PHE B 38 25.30 -1.71 -18.49
N LEU B 39 25.99 -2.75 -18.04
CA LEU B 39 25.72 -3.30 -16.70
C LEU B 39 26.00 -2.27 -15.60
N LEU B 40 27.03 -1.45 -15.78
CA LEU B 40 27.43 -0.47 -14.76
C LEU B 40 26.41 0.65 -14.52
N ARG B 41 25.62 0.98 -15.54
CA ARG B 41 24.54 1.96 -15.37
C ARG B 41 23.58 1.50 -14.28
N TRP B 42 23.29 0.19 -14.25
CA TRP B 42 22.36 -0.37 -13.29
C TRP B 42 23.05 -0.48 -11.93
N LEU B 43 24.31 -0.92 -11.93
CA LEU B 43 25.05 -1.02 -10.68
C LEU B 43 25.21 0.37 -10.03
N ARG B 44 25.64 1.35 -10.82
CA ARG B 44 25.76 2.72 -10.28
C ARG B 44 24.45 3.22 -9.69
N ALA B 45 23.33 2.94 -10.36
CA ALA B 45 22.04 3.42 -9.90
C ALA B 45 21.62 2.86 -8.53
N ARG B 46 22.23 1.74 -8.13
CA ARG B 46 21.88 1.11 -6.84
C ARG B 46 23.09 0.95 -5.90
N ASN B 47 24.10 1.78 -6.12
CA ASN B 47 25.30 1.84 -5.27
C ASN B 47 26.02 0.49 -5.19
N PHE B 48 25.97 -0.26 -6.31
CA PHE B 48 26.58 -1.60 -6.39
C PHE B 48 26.01 -2.65 -5.41
N ASP B 49 24.80 -2.44 -4.91
CA ASP B 49 24.06 -3.46 -4.18
C ASP B 49 23.57 -4.53 -5.19
N LEU B 50 23.99 -5.79 -5.02
CA LEU B 50 23.71 -6.81 -6.05
C LEU B 50 22.23 -7.15 -6.21
N GLN B 51 21.53 -7.34 -5.09
CA GLN B 51 20.08 -7.64 -5.16
C GLN B 51 19.30 -6.50 -5.80
N LYS B 52 19.54 -5.27 -5.34
CA LYS B 52 18.80 -4.09 -5.84
C LYS B 52 19.13 -3.76 -7.29
N SER B 53 20.39 -3.89 -7.69
CA SER B 53 20.76 -3.65 -9.10
C SER B 53 20.13 -4.68 -10.05
N GLU B 54 20.05 -5.93 -9.57
CA GLU B 54 19.45 -7.02 -10.33
C GLU B 54 17.94 -6.85 -10.39
N ASP B 55 17.31 -6.48 -9.27
CA ASP B 55 15.87 -6.16 -9.29
C ASP B 55 15.61 -5.06 -10.33
N MET B 56 16.46 -4.04 -10.33
CA MET B 56 16.24 -2.89 -11.22
C MET B 56 16.29 -3.31 -12.69
N LEU B 57 17.35 -4.02 -13.06
CA LEU B 57 17.50 -4.42 -14.47
C LEU B 57 16.44 -5.41 -14.92
N ARG B 58 16.09 -6.36 -14.04
CA ARG B 58 15.06 -7.36 -14.36
C ARG B 58 13.69 -6.71 -14.53
N ARG B 59 13.33 -5.82 -13.63
CA ARG B 59 12.10 -5.04 -13.79
C ARG B 59 12.11 -4.31 -15.14
N HIS B 60 13.26 -3.74 -15.51
CA HIS B 60 13.33 -3.07 -16.79
C HIS B 60 13.09 -4.00 -17.98
N MET B 61 13.70 -5.18 -17.95
CA MET B 61 13.49 -6.11 -19.06
C MET B 61 12.02 -6.53 -19.12
N GLU B 62 11.37 -6.67 -17.97
CA GLU B 62 9.94 -6.97 -17.94
C GLU B 62 9.11 -5.82 -18.53
N PHE B 63 9.49 -4.59 -18.16
CA PHE B 63 8.83 -3.40 -18.69
CA PHE B 63 8.90 -3.35 -18.69
C PHE B 63 9.00 -3.30 -20.20
N ARG B 64 10.17 -3.66 -20.73
CA ARG B 64 10.40 -3.69 -22.18
C ARG B 64 9.44 -4.62 -22.91
N LYS B 65 9.19 -5.78 -22.33
CA LYS B 65 8.26 -6.76 -22.92
C LYS B 65 6.82 -6.26 -22.78
N GLN B 66 6.43 -5.87 -21.57
CA GLN B 66 5.06 -5.39 -21.30
C GLN B 66 4.67 -4.25 -22.23
N GLN B 67 5.60 -3.31 -22.44
CA GLN B 67 5.33 -2.10 -23.22
C GLN B 67 5.67 -2.23 -24.71
N ASP B 68 6.17 -3.39 -25.12
CA ASP B 68 6.63 -3.63 -26.48
C ASP B 68 7.59 -2.53 -26.94
N LEU B 69 8.59 -2.24 -26.14
CA LEU B 69 9.45 -1.08 -26.40
C LEU B 69 10.25 -1.20 -27.66
N ASP B 70 10.59 -2.42 -28.06
CA ASP B 70 11.31 -2.59 -29.31
C ASP B 70 10.51 -2.07 -30.51
N ASN B 71 9.18 -1.95 -30.35
CA ASN B 71 8.30 -1.44 -31.42
C ASN B 71 7.61 -0.12 -31.15
N ILE B 72 7.89 0.49 -30.00
CA ILE B 72 7.21 1.74 -29.65
C ILE B 72 7.52 2.89 -30.62
N VAL B 73 8.66 2.81 -31.31
CA VAL B 73 9.05 3.86 -32.26
C VAL B 73 8.11 3.94 -33.46
N THR B 74 7.32 2.88 -33.72
CA THR B 74 6.29 2.93 -34.77
C THR B 74 4.85 3.04 -34.22
N TRP B 75 4.72 3.19 -32.89
CA TRP B 75 3.40 3.28 -32.27
C TRP B 75 2.85 4.68 -32.51
N GLN B 76 1.60 4.76 -32.96
CA GLN B 76 0.93 6.04 -33.19
C GLN B 76 -0.01 6.33 -32.02
N PRO B 77 0.22 7.42 -31.30
CA PRO B 77 -0.70 7.77 -30.23
C PRO B 77 -2.04 8.27 -30.75
N PRO B 78 -3.03 8.41 -29.86
CA PRO B 78 -4.31 9.03 -30.20
C PRO B 78 -4.10 10.40 -30.88
N GLU B 79 -4.98 10.75 -31.80
CA GLU B 79 -4.87 12.00 -32.53
C GLU B 79 -4.65 13.23 -31.64
N VAL B 80 -5.37 13.28 -30.51
CA VAL B 80 -5.25 14.45 -29.62
C VAL B 80 -3.81 14.62 -29.10
N ILE B 81 -3.14 13.48 -28.83
CA ILE B 81 -1.75 13.51 -28.38
C ILE B 81 -0.82 13.89 -29.53
N GLN B 82 -1.06 13.34 -30.72
CA GLN B 82 -0.26 13.70 -31.89
C GLN B 82 -0.31 15.21 -32.15
N LEU B 83 -1.49 15.80 -31.97
CA LEU B 83 -1.68 17.20 -32.36
C LEU B 83 -1.39 18.20 -31.25
N TYR B 84 -1.60 17.82 -29.99
CA TYR B 84 -1.52 18.78 -28.86
C TYR B 84 -0.54 18.45 -27.73
N ASP B 85 0.03 17.24 -27.72
CA ASP B 85 1.00 16.87 -26.67
C ASP B 85 2.38 17.31 -27.17
N SER B 86 2.88 18.40 -26.59
CA SER B 86 3.97 19.17 -27.16
C SER B 86 5.34 18.49 -27.12
N GLY B 87 6.27 19.10 -27.83
CA GLY B 87 7.67 18.68 -27.82
C GLY B 87 8.19 18.22 -29.16
N GLY B 88 9.48 17.96 -29.23
CA GLY B 88 10.05 17.40 -30.45
C GLY B 88 11.54 17.27 -30.43
N LEU B 89 12.04 16.28 -31.15
CA LEU B 89 13.48 16.15 -31.37
C LEU B 89 13.90 17.16 -32.41
N CYS B 90 14.92 17.95 -32.08
CA CYS B 90 15.44 18.96 -32.99
C CYS B 90 16.87 19.33 -32.64
N GLY B 91 17.77 18.96 -33.54
CA GLY B 91 19.17 19.31 -33.43
C GLY B 91 20.04 18.38 -32.60
N TYR B 92 21.33 18.70 -32.62
CA TYR B 92 22.36 17.99 -31.87
C TYR B 92 23.24 19.03 -31.20
N ASP B 93 23.74 18.71 -30.01
CA ASP B 93 24.64 19.60 -29.30
C ASP B 93 26.06 19.51 -29.85
N TYR B 94 27.00 20.26 -29.27
CA TYR B 94 28.37 20.33 -29.85
C TYR B 94 29.10 18.98 -29.85
N GLU B 95 28.74 18.09 -28.91
CA GLU B 95 29.30 16.75 -28.82
C GLU B 95 28.66 15.78 -29.85
N GLY B 96 27.48 16.12 -30.36
CA GLY B 96 26.70 15.23 -31.21
C GLY B 96 25.50 14.58 -30.53
N CYS B 97 25.25 14.94 -29.27
CA CYS B 97 24.12 14.35 -28.53
C CYS B 97 22.82 14.93 -29.08
N PRO B 98 21.81 14.08 -29.33
CA PRO B 98 20.50 14.60 -29.81
C PRO B 98 19.82 15.46 -28.75
N VAL B 99 19.13 16.50 -29.23
CA VAL B 99 18.38 17.44 -28.37
C VAL B 99 16.89 17.18 -28.50
N TYR B 100 16.20 17.21 -27.35
CA TYR B 100 14.76 17.13 -27.30
C TYR B 100 14.24 18.38 -26.59
N PHE B 101 13.26 19.02 -27.23
CA PHE B 101 12.54 20.15 -26.65
C PHE B 101 11.23 19.71 -26.02
N ASN B 102 11.10 19.99 -24.73
CA ASN B 102 9.86 19.81 -24.02
CA ASN B 102 9.87 19.81 -23.95
C ASN B 102 9.21 21.18 -23.80
N ILE B 103 8.03 21.38 -24.38
CA ILE B 103 7.37 22.68 -24.36
C ILE B 103 6.24 22.63 -23.31
N ILE B 104 6.65 22.62 -22.04
CA ILE B 104 5.72 22.39 -20.92
C ILE B 104 4.74 23.56 -20.76
N GLY B 105 5.26 24.78 -20.89
CA GLY B 105 4.47 25.97 -20.63
C GLY B 105 3.25 26.16 -21.50
N SER B 106 3.24 25.64 -22.73
CA SER B 106 2.03 25.80 -23.55
C SER B 106 1.25 24.50 -23.67
N LEU B 107 1.61 23.52 -22.84
CA LEU B 107 0.82 22.30 -22.72
C LEU B 107 -0.51 22.60 -22.01
N ASP B 108 -1.56 21.88 -22.43
CA ASP B 108 -2.88 21.87 -21.78
C ASP B 108 -3.08 20.46 -21.21
N PRO B 109 -2.40 20.15 -20.10
CA PRO B 109 -2.48 18.77 -19.63
C PRO B 109 -3.92 18.35 -19.21
N LYS B 110 -4.70 19.30 -18.70
CA LYS B 110 -6.10 19.01 -18.38
C LYS B 110 -6.91 18.58 -19.61
N GLY B 111 -6.86 19.40 -20.67
CA GLY B 111 -7.48 19.05 -21.96
C GLY B 111 -7.04 17.69 -22.46
N LEU B 112 -5.73 17.43 -22.37
CA LEU B 112 -5.16 16.14 -22.82
C LEU B 112 -5.72 14.98 -22.00
N LEU B 113 -5.71 15.12 -20.68
CA LEU B 113 -6.20 14.04 -19.81
C LEU B 113 -7.71 13.83 -19.86
N LEU B 114 -8.48 14.85 -20.28
CA LEU B 114 -9.90 14.65 -20.50
C LEU B 114 -10.17 14.03 -21.89
N SER B 115 -9.14 13.94 -22.73
CA SER B 115 -9.24 13.44 -24.11
C SER B 115 -8.47 12.14 -24.37
N ALA B 116 -7.65 11.73 -23.42
CA ALA B 116 -6.76 10.60 -23.58
C ALA B 116 -6.35 10.09 -22.20
N SER B 117 -5.94 8.83 -22.13
CA SER B 117 -5.56 8.22 -20.85
C SER B 117 -4.18 8.66 -20.36
N LYS B 118 -3.98 8.57 -19.04
CA LYS B 118 -2.66 8.78 -18.47
C LYS B 118 -1.68 7.81 -19.12
N GLN B 119 -2.12 6.57 -19.37
CA GLN B 119 -1.26 5.58 -19.99
C GLN B 119 -0.72 6.02 -21.35
N ASP B 120 -1.59 6.56 -22.19
CA ASP B 120 -1.17 7.00 -23.53
C ASP B 120 -0.27 8.23 -23.49
N MET B 121 -0.51 9.14 -22.54
CA MET B 121 0.43 10.25 -22.32
C MET B 121 1.82 9.76 -21.86
N ILE B 122 1.84 8.79 -20.97
CA ILE B 122 3.12 8.20 -20.52
C ILE B 122 3.82 7.45 -21.66
N ARG B 123 3.07 6.68 -22.44
CA ARG B 123 3.67 6.00 -23.59
C ARG B 123 4.25 6.94 -24.66
N LYS B 124 3.62 8.08 -24.87
CA LYS B 124 4.21 9.09 -25.76
C LYS B 124 5.59 9.51 -25.25
N ARG B 125 5.69 9.70 -23.95
CA ARG B 125 6.95 10.11 -23.32
C ARG B 125 8.03 9.02 -23.34
N ILE B 126 7.60 7.77 -23.14
CA ILE B 126 8.48 6.62 -23.31
C ILE B 126 8.99 6.54 -24.76
N LYS B 127 8.10 6.81 -25.71
CA LYS B 127 8.45 6.80 -27.13
C LYS B 127 9.56 7.79 -27.41
N VAL B 128 9.45 9.00 -26.84
CA VAL B 128 10.53 10.00 -26.94
C VAL B 128 11.86 9.45 -26.44
N CYS B 129 11.85 8.77 -25.30
CA CYS B 129 13.09 8.20 -24.77
C CYS B 129 13.69 7.21 -25.76
N GLU B 130 12.84 6.35 -26.33
CA GLU B 130 13.32 5.35 -27.30
C GLU B 130 13.83 6.00 -28.59
N LEU B 131 13.15 7.03 -29.07
CA LEU B 131 13.62 7.75 -30.26
C LEU B 131 14.98 8.42 -30.01
N LEU B 132 15.18 8.96 -28.81
CA LEU B 132 16.47 9.56 -28.47
C LEU B 132 17.58 8.52 -28.41
N LEU B 133 17.29 7.36 -27.84
CA LEU B 133 18.26 6.26 -27.83
C LEU B 133 18.62 5.83 -29.24
N HIS B 134 17.64 5.75 -30.16
CA HIS B 134 17.95 5.41 -31.55
CA HIS B 134 17.91 5.42 -31.57
C HIS B 134 18.83 6.46 -32.21
N GLU B 135 18.56 7.72 -31.90
CA GLU B 135 19.35 8.80 -32.44
C GLU B 135 20.80 8.75 -31.91
N CYS B 136 20.99 8.36 -30.65
CA CYS B 136 22.32 8.15 -30.08
C CYS B 136 23.07 7.03 -30.80
N GLU B 137 22.36 5.96 -31.09
CA GLU B 137 22.97 4.84 -31.81
CA GLU B 137 22.91 4.82 -31.83
C GLU B 137 23.32 5.24 -33.25
N LEU B 138 22.46 6.01 -33.91
CA LEU B 138 22.77 6.49 -35.27
C LEU B 138 24.00 7.40 -35.31
N GLN B 139 24.06 8.34 -34.38
CA GLN B 139 25.23 9.21 -34.25
C GLN B 139 26.51 8.44 -33.96
N THR B 140 26.41 7.44 -33.09
CA THR B 140 27.55 6.58 -32.75
C THR B 140 28.08 5.89 -34.00
N GLN B 141 27.17 5.35 -34.81
CA GLN B 141 27.52 4.64 -36.04
C GLN B 141 28.21 5.57 -37.01
N LYS B 142 27.66 6.77 -37.17
CA LYS B 142 28.16 7.74 -38.15
C LYS B 142 29.49 8.36 -37.76
N LEU B 143 29.64 8.66 -36.47
CA LEU B 143 30.86 9.34 -35.98
C LEU B 143 32.00 8.40 -35.62
N GLY B 144 31.68 7.12 -35.41
CA GLY B 144 32.66 6.11 -35.03
C GLY B 144 33.16 6.26 -33.60
N ARG B 145 32.36 6.90 -32.76
CA ARG B 145 32.68 7.21 -31.36
C ARG B 145 31.36 7.16 -30.58
N LYS B 146 31.41 6.72 -29.31
CA LYS B 146 30.17 6.51 -28.53
C LYS B 146 29.49 7.83 -28.16
N ILE B 147 28.25 7.99 -28.61
CA ILE B 147 27.35 9.06 -28.17
C ILE B 147 26.27 8.34 -27.38
N GLU B 148 26.19 8.60 -26.09
CA GLU B 148 25.39 7.76 -25.20
C GLU B 148 24.32 8.49 -24.38
N MET B 149 24.23 9.81 -24.54
CA MET B 149 23.25 10.61 -23.82
C MET B 149 22.60 11.62 -24.76
N ALA B 150 21.40 12.07 -24.37
CA ALA B 150 20.68 13.13 -25.03
C ALA B 150 20.67 14.39 -24.11
N LEU B 151 20.29 15.51 -24.70
CA LEU B 151 20.15 16.79 -23.96
C LEU B 151 18.67 17.14 -24.02
N MET B 152 18.06 17.52 -22.90
CA MET B 152 16.64 17.97 -22.89
C MET B 152 16.55 19.44 -22.50
N VAL B 153 15.80 20.18 -23.30
CA VAL B 153 15.49 21.57 -23.03
C VAL B 153 14.03 21.65 -22.62
N PHE B 154 13.78 22.30 -21.49
CA PHE B 154 12.43 22.47 -20.95
C PHE B 154 12.02 23.94 -21.07
N ASP B 155 11.08 24.23 -21.97
CA ASP B 155 10.57 25.60 -22.14
C ASP B 155 9.37 25.84 -21.24
N MET B 156 9.57 26.73 -20.28
CA MET B 156 8.58 26.98 -19.25
C MET B 156 7.72 28.22 -19.54
N GLU B 157 7.89 28.84 -20.71
CA GLU B 157 7.09 30.03 -21.03
C GLU B 157 5.60 29.68 -21.00
N GLY B 158 4.84 30.37 -20.15
CA GLY B 158 3.41 30.13 -20.00
C GLY B 158 3.05 29.24 -18.82
N LEU B 159 4.04 28.64 -18.16
CA LEU B 159 3.78 27.87 -16.94
C LEU B 159 2.95 28.71 -15.95
N SER B 160 1.89 28.11 -15.43
CA SER B 160 0.92 28.82 -14.59
C SER B 160 0.19 27.81 -13.70
N LEU B 161 -0.73 28.33 -12.86
CA LEU B 161 -1.44 27.50 -11.89
C LEU B 161 -2.16 26.30 -12.51
N LYS B 162 -2.65 26.45 -13.73
CA LYS B 162 -3.34 25.38 -14.43
C LYS B 162 -2.50 24.13 -14.60
N HIS B 163 -1.18 24.32 -14.70
CA HIS B 163 -0.25 23.17 -14.82
C HIS B 163 -0.06 22.38 -13.52
N LEU B 164 -0.55 22.91 -12.41
CA LEU B 164 -0.47 22.25 -11.12
C LEU B 164 -1.67 21.37 -10.82
N TRP B 165 -2.60 21.26 -11.78
CA TRP B 165 -3.77 20.37 -11.64
C TRP B 165 -3.28 18.98 -11.24
N LYS B 166 -3.78 18.45 -10.12
CA LYS B 166 -3.18 17.26 -9.48
C LYS B 166 -2.99 16.05 -10.41
N PRO B 167 -4.02 15.68 -11.21
CA PRO B 167 -3.81 14.59 -12.19
C PRO B 167 -2.70 14.83 -13.22
N ALA B 168 -2.46 16.09 -13.60
CA ALA B 168 -1.39 16.42 -14.57
C ALA B 168 -0.02 16.28 -13.92
N VAL B 169 0.05 16.70 -12.66
CA VAL B 169 1.30 16.57 -11.89
C VAL B 169 1.66 15.10 -11.74
N GLU B 170 0.68 14.24 -11.52
CA GLU B 170 0.93 12.80 -11.43
C GLU B 170 1.60 12.22 -12.68
N VAL B 171 1.27 12.76 -13.87
CA VAL B 171 1.86 12.34 -15.13
C VAL B 171 3.35 12.65 -15.12
N TYR B 172 3.72 13.85 -14.74
CA TYR B 172 5.13 14.14 -14.71
C TYR B 172 5.88 13.40 -13.61
N GLN B 173 5.25 13.16 -12.47
CA GLN B 173 5.92 12.41 -11.40
C GLN B 173 6.17 10.98 -11.86
N GLN B 174 5.15 10.35 -12.43
CA GLN B 174 5.33 9.02 -13.00
C GLN B 174 6.36 9.00 -14.14
N PHE B 175 6.36 10.00 -15.03
CA PHE B 175 7.41 10.06 -16.07
C PHE B 175 8.82 10.04 -15.49
N PHE B 176 9.07 10.87 -14.48
CA PHE B 176 10.42 10.94 -13.92
C PHE B 176 10.79 9.63 -13.22
N SER B 177 9.82 9.00 -12.54
CA SER B 177 10.06 7.68 -11.93
C SER B 177 10.43 6.65 -13.00
N ILE B 178 9.69 6.63 -14.10
CA ILE B 178 9.95 5.67 -15.19
C ILE B 178 11.30 5.94 -15.84
N LEU B 179 11.63 7.22 -15.99
CA LEU B 179 12.90 7.63 -16.57
C LEU B 179 14.06 7.09 -15.74
N GLU B 180 13.99 7.29 -14.44
CA GLU B 180 15.07 6.81 -13.56
C GLU B 180 15.15 5.29 -13.53
N ALA B 181 14.01 4.62 -13.54
CA ALA B 181 13.98 3.15 -13.42
C ALA B 181 14.38 2.42 -14.70
N ASN B 182 14.14 3.05 -15.84
CA ASN B 182 14.30 2.37 -17.13
C ASN B 182 15.35 2.98 -18.05
N TYR B 183 15.71 4.24 -17.81
CA TYR B 183 16.67 4.95 -18.66
C TYR B 183 17.75 5.65 -17.81
N PRO B 184 18.39 4.92 -16.89
CA PRO B 184 19.35 5.56 -16.02
C PRO B 184 20.52 6.14 -16.80
N GLU B 185 20.96 7.35 -16.43
CA GLU B 185 22.13 8.00 -17.06
C GLU B 185 22.02 8.13 -18.58
N THR B 186 20.86 8.54 -19.05
CA THR B 186 20.66 8.81 -20.48
C THR B 186 20.54 10.31 -20.84
N LEU B 187 20.54 11.19 -19.83
CA LEU B 187 20.47 12.64 -20.03
C LEU B 187 21.74 13.34 -19.55
N LYS B 188 22.34 14.12 -20.44
CA LYS B 188 23.53 14.87 -20.12
C LYS B 188 23.24 16.12 -19.32
N ASN B 189 22.19 16.84 -19.73
CA ASN B 189 21.72 18.01 -19.00
C ASN B 189 20.24 18.17 -19.21
N LEU B 190 19.63 18.83 -18.24
CA LEU B 190 18.22 19.23 -18.31
C LEU B 190 18.21 20.74 -18.20
N ILE B 191 18.02 21.40 -19.34
CA ILE B 191 18.18 22.83 -19.43
C ILE B 191 16.79 23.49 -19.36
N VAL B 192 16.58 24.33 -18.37
CA VAL B 192 15.31 24.99 -18.15
C VAL B 192 15.39 26.44 -18.65
N ILE B 193 14.53 26.77 -19.61
CA ILE B 193 14.47 28.14 -20.14
C ILE B 193 13.13 28.80 -19.86
N ARG B 194 13.18 30.13 -19.75
CA ARG B 194 12.00 30.96 -19.59
C ARG B 194 11.18 30.56 -18.35
N ALA B 195 11.87 30.18 -17.27
CA ALA B 195 11.15 29.82 -16.02
C ALA B 195 10.56 31.08 -15.40
N PRO B 196 9.24 31.09 -15.16
CA PRO B 196 8.63 32.23 -14.46
C PRO B 196 8.73 32.04 -12.94
N LYS B 197 8.20 33.01 -12.19
CA LYS B 197 8.34 32.95 -10.73
C LYS B 197 7.68 31.73 -10.06
N LEU B 198 6.68 31.14 -10.71
CA LEU B 198 6.03 29.92 -10.24
C LEU B 198 6.91 28.68 -10.32
N PHE B 199 7.99 28.73 -11.08
CA PHE B 199 8.79 27.55 -11.32
C PHE B 199 9.21 26.76 -10.07
N PRO B 200 9.68 27.42 -8.99
CA PRO B 200 10.08 26.66 -7.79
C PRO B 200 8.95 25.83 -7.16
N VAL B 201 7.72 26.32 -7.20
CA VAL B 201 6.56 25.52 -6.71
C VAL B 201 6.35 24.29 -7.61
N ALA B 202 6.38 24.50 -8.92
CA ALA B 202 6.20 23.41 -9.87
C ALA B 202 7.32 22.37 -9.71
N PHE B 203 8.56 22.85 -9.61
CA PHE B 203 9.71 21.95 -9.48
C PHE B 203 9.66 21.12 -8.21
N ASN B 204 9.23 21.74 -7.12
CA ASN B 204 9.12 21.03 -5.85
C ASN B 204 8.21 19.79 -5.91
N LEU B 205 7.23 19.80 -6.81
CA LEU B 205 6.30 18.68 -6.97
C LEU B 205 6.92 17.46 -7.66
N VAL B 206 7.98 17.68 -8.46
CA VAL B 206 8.61 16.57 -9.20
C VAL B 206 10.00 16.19 -8.72
N LYS B 207 10.66 17.04 -7.95
CA LYS B 207 12.09 16.86 -7.66
C LYS B 207 12.41 15.56 -6.95
N SER B 208 11.51 15.09 -6.08
CA SER B 208 11.77 13.85 -5.33
CA SER B 208 11.76 13.85 -5.33
C SER B 208 11.66 12.59 -6.19
N PHE B 209 11.09 12.71 -7.39
CA PHE B 209 10.97 11.59 -8.31
C PHE B 209 12.17 11.45 -9.25
N MET B 210 13.09 12.41 -9.20
CA MET B 210 14.35 12.36 -9.92
C MET B 210 15.46 11.88 -9.01
N SER B 211 16.50 11.32 -9.61
CA SER B 211 17.68 10.93 -8.85
C SER B 211 18.50 12.17 -8.51
N GLU B 212 19.38 12.04 -7.53
CA GLU B 212 20.26 13.14 -7.19
C GLU B 212 21.17 13.52 -8.36
N GLU B 213 21.65 12.52 -9.10
CA GLU B 213 22.48 12.79 -10.27
C GLU B 213 21.70 13.57 -11.33
N THR B 214 20.44 13.20 -11.57
CA THR B 214 19.63 13.97 -12.49
C THR B 214 19.43 15.41 -12.03
N ARG B 215 19.14 15.60 -10.75
CA ARG B 215 18.98 16.94 -10.20
CA ARG B 215 18.99 16.94 -10.20
C ARG B 215 20.26 17.76 -10.38
N ARG B 216 21.42 17.12 -10.26
CA ARG B 216 22.70 17.83 -10.43
C ARG B 216 22.95 18.29 -11.87
N LYS B 217 22.24 17.71 -12.84
CA LYS B 217 22.38 18.07 -14.25
C LYS B 217 21.36 19.11 -14.71
N ILE B 218 20.52 19.61 -13.80
CA ILE B 218 19.60 20.69 -14.13
C ILE B 218 20.36 22.01 -14.19
N VAL B 219 20.10 22.75 -15.27
CA VAL B 219 20.67 24.06 -15.48
C VAL B 219 19.52 25.04 -15.75
N ILE B 220 19.37 26.05 -14.88
CA ILE B 220 18.34 27.08 -15.04
C ILE B 220 18.96 28.32 -15.68
N LEU B 221 18.49 28.64 -16.89
CA LEU B 221 18.95 29.83 -17.61
C LEU B 221 18.12 31.06 -17.23
N GLY B 222 18.68 32.23 -17.49
CA GLY B 222 18.04 33.49 -17.11
C GLY B 222 17.61 34.38 -18.26
N ASP B 223 17.72 35.69 -18.07
CA ASP B 223 17.29 36.64 -19.08
C ASP B 223 18.07 36.45 -20.38
N ASN B 224 19.33 36.02 -20.25
CA ASN B 224 20.22 35.85 -21.40
C ASN B 224 20.21 34.41 -21.96
N TRP B 225 19.05 33.76 -21.84
CA TRP B 225 18.94 32.32 -22.17
C TRP B 225 19.28 31.98 -23.62
N LYS B 226 18.99 32.89 -24.55
CA LYS B 226 19.28 32.57 -25.96
C LYS B 226 20.78 32.39 -26.17
N GLN B 227 21.55 33.38 -25.73
CA GLN B 227 23.00 33.27 -25.76
C GLN B 227 23.50 32.09 -24.92
N GLU B 228 22.95 31.90 -23.71
CA GLU B 228 23.40 30.83 -22.83
C GLU B 228 23.16 29.45 -23.45
N LEU B 229 22.06 29.30 -24.19
CA LEU B 229 21.76 28.02 -24.83
C LEU B 229 22.87 27.67 -25.84
N THR B 230 23.46 28.69 -26.46
CA THR B 230 24.53 28.46 -27.44
C THR B 230 25.88 28.05 -26.81
N LYS B 231 25.96 28.03 -25.48
CA LYS B 231 27.07 27.36 -24.81
C LYS B 231 27.00 25.84 -25.03
N PHE B 232 25.79 25.32 -25.26
CA PHE B 232 25.53 23.88 -25.36
C PHE B 232 25.31 23.41 -26.80
N ILE B 233 24.64 24.26 -27.59
CA ILE B 233 24.12 23.89 -28.92
C ILE B 233 24.42 25.02 -29.91
N SER B 234 24.89 24.68 -31.12
CA SER B 234 25.13 25.67 -32.17
C SER B 234 23.87 26.44 -32.50
N PRO B 235 24.00 27.74 -32.78
CA PRO B 235 22.86 28.48 -33.33
C PRO B 235 22.27 27.80 -34.57
N ASP B 236 23.11 27.13 -35.35
CA ASP B 236 22.66 26.46 -36.57
C ASP B 236 21.86 25.19 -36.31
N GLN B 237 21.88 24.72 -35.06
CA GLN B 237 21.14 23.54 -34.64
C GLN B 237 19.91 23.89 -33.82
N LEU B 238 19.65 25.19 -33.64
CA LEU B 238 18.53 25.70 -32.85
C LEU B 238 17.51 26.44 -33.73
N PRO B 239 16.20 26.20 -33.49
CA PRO B 239 15.21 27.05 -34.13
C PRO B 239 15.42 28.53 -33.85
N VAL B 240 15.06 29.36 -34.83
CA VAL B 240 15.00 30.80 -34.64
C VAL B 240 14.22 31.15 -33.38
N GLU B 241 13.14 30.42 -33.10
CA GLU B 241 12.33 30.64 -31.86
C GLU B 241 13.19 30.58 -30.61
N PHE B 242 14.23 29.76 -30.62
CA PHE B 242 15.07 29.57 -29.42
C PHE B 242 16.45 30.20 -29.56
N GLY B 243 16.57 31.19 -30.46
CA GLY B 243 17.78 31.99 -30.61
C GLY B 243 18.70 31.60 -31.75
N GLY B 244 18.34 30.57 -32.51
CA GLY B 244 19.20 30.07 -33.56
C GLY B 244 18.83 30.56 -34.95
N THR B 245 19.21 29.77 -35.96
CA THR B 245 18.94 30.10 -37.35
C THR B 245 18.07 29.08 -38.10
N MET B 246 17.64 28.01 -37.43
CA MET B 246 16.90 26.95 -38.11
C MET B 246 15.45 27.38 -38.34
N THR B 247 14.93 27.09 -39.53
CA THR B 247 13.52 27.29 -39.83
C THR B 247 12.93 26.07 -40.52
N ASP B 248 11.60 26.03 -40.60
CA ASP B 248 10.92 25.08 -41.49
C ASP B 248 11.26 25.46 -42.94
N PRO B 249 10.99 24.54 -43.90
CA PRO B 249 11.23 24.87 -45.31
C PRO B 249 10.57 26.18 -45.78
N ASP B 250 9.37 26.48 -45.28
CA ASP B 250 8.66 27.71 -45.63
C ASP B 250 9.08 28.93 -44.81
N GLY B 251 10.14 28.79 -44.00
CA GLY B 251 10.72 29.91 -43.25
C GLY B 251 10.22 30.04 -41.83
N ASN B 252 9.30 29.17 -41.41
CA ASN B 252 8.69 29.34 -40.09
C ASN B 252 9.75 29.22 -39.02
N PRO B 253 9.87 30.23 -38.15
CA PRO B 253 10.94 30.24 -37.14
C PRO B 253 10.77 29.22 -36.01
N LYS B 254 9.57 28.65 -35.88
CA LYS B 254 9.29 27.70 -34.82
C LYS B 254 9.71 26.28 -35.17
N CYS B 255 10.04 26.00 -36.43
CA CYS B 255 10.39 24.63 -36.83
C CYS B 255 9.28 23.62 -36.46
N LEU B 256 8.06 23.96 -36.89
CA LEU B 256 6.86 23.14 -36.67
C LEU B 256 6.93 21.72 -37.28
N THR B 257 7.78 21.52 -38.28
CA THR B 257 7.98 20.19 -38.85
C THR B 257 8.72 19.28 -37.87
N LYS B 258 9.34 19.84 -36.83
CA LYS B 258 10.04 19.04 -35.82
C LYS B 258 9.47 19.13 -34.40
N ILE B 259 8.92 20.29 -34.05
CA ILE B 259 8.48 20.59 -32.68
C ILE B 259 7.01 20.96 -32.65
N ASN B 260 6.25 20.28 -31.79
CA ASN B 260 4.87 20.58 -31.50
C ASN B 260 4.78 21.56 -30.33
N TYR B 261 3.93 22.56 -30.45
CA TYR B 261 3.87 23.62 -29.43
C TYR B 261 2.61 23.58 -28.58
N GLY B 262 1.90 22.47 -28.60
CA GLY B 262 0.80 22.26 -27.66
C GLY B 262 -0.38 23.17 -27.97
N GLY B 263 -0.86 23.86 -26.95
CA GLY B 263 -2.02 24.72 -27.09
C GLY B 263 -3.28 24.11 -26.51
N GLU B 264 -4.34 24.91 -26.44
CA GLU B 264 -5.60 24.46 -25.83
C GLU B 264 -6.26 23.37 -26.66
N VAL B 265 -6.62 22.28 -26.01
CA VAL B 265 -7.29 21.16 -26.68
C VAL B 265 -8.76 21.52 -26.93
N PRO B 266 -9.22 21.46 -28.19
CA PRO B 266 -10.64 21.68 -28.44
C PRO B 266 -11.54 20.65 -27.72
N LYS B 267 -12.68 21.12 -27.21
CA LYS B 267 -13.59 20.25 -26.46
C LYS B 267 -14.15 19.09 -27.28
N SER B 268 -14.11 19.21 -28.61
CA SER B 268 -14.54 18.11 -29.47
C SER B 268 -13.74 16.81 -29.26
N TYR B 269 -12.54 16.91 -28.68
CA TYR B 269 -11.71 15.73 -28.35
C TYR B 269 -12.02 15.06 -27.00
N TYR B 270 -12.74 15.76 -26.13
CA TYR B 270 -12.97 15.28 -24.77
C TYR B 270 -13.74 13.97 -24.80
N LEU B 271 -13.34 13.02 -23.97
CA LEU B 271 -14.06 11.76 -23.83
C LEU B 271 -14.96 11.77 -22.61
N CYS B 272 -14.75 12.63 -21.64
CA CYS B 272 -15.32 12.75 -20.29
C CYS B 272 -15.26 14.23 -19.86
N GLU B 273 -16.07 14.56 -18.89
CA GLU B 273 -16.11 15.89 -18.28
C GLU B 273 -15.15 16.01 -17.08
N GLN B 274 -14.82 14.87 -16.47
CA GLN B 274 -13.89 14.83 -15.35
C GLN B 274 -13.26 13.45 -15.26
N VAL B 275 -12.11 13.39 -14.58
CA VAL B 275 -11.50 12.11 -14.20
C VAL B 275 -12.00 11.75 -12.78
N ARG B 276 -11.95 10.47 -12.43
CA ARG B 276 -12.36 10.03 -11.09
C ARG B 276 -11.27 10.43 -10.09
N LEU B 277 -11.66 11.05 -8.98
CA LEU B 277 -10.72 11.61 -8.01
C LEU B 277 -10.95 11.07 -6.60
N GLN B 278 -9.89 11.02 -5.80
CA GLN B 278 -9.99 10.68 -4.38
C GLN B 278 -9.88 11.98 -3.56
N TYR B 279 -10.45 11.99 -2.36
CA TYR B 279 -10.48 13.23 -1.56
C TYR B 279 -10.11 12.94 -0.10
N GLU B 280 -9.28 13.79 0.49
CA GLU B 280 -8.82 13.55 1.85
C GLU B 280 -9.93 13.64 2.90
N HIS B 281 -11.03 14.33 2.58
CA HIS B 281 -12.12 14.52 3.56
C HIS B 281 -13.48 14.48 2.88
N THR B 282 -14.43 13.80 3.53
CA THR B 282 -15.82 13.79 3.07
C THR B 282 -16.66 14.15 4.27
N ARG B 283 -17.50 15.17 4.13
CA ARG B 283 -18.27 15.73 5.24
C ARG B 283 -19.70 16.03 4.83
N SER B 284 -20.52 16.39 5.82
CA SER B 284 -21.90 16.82 5.61
C SER B 284 -22.01 18.28 6.01
N VAL B 285 -22.53 19.10 5.11
CA VAL B 285 -22.95 20.46 5.45
C VAL B 285 -24.47 20.43 5.36
N GLY B 286 -25.12 20.77 6.48
CA GLY B 286 -26.57 20.61 6.61
C GLY B 286 -27.37 21.64 5.86
N ARG B 287 -28.24 22.34 6.58
CA ARG B 287 -29.18 23.27 5.99
C ARG B 287 -28.87 24.64 6.55
N GLY B 288 -28.65 25.60 5.66
CA GLY B 288 -28.34 26.96 6.08
C GLY B 288 -27.07 27.06 6.89
N SER B 289 -26.14 26.12 6.68
CA SER B 289 -24.90 26.07 7.44
C SER B 289 -23.72 26.39 6.54
N SER B 290 -22.57 26.64 7.14
CA SER B 290 -21.31 26.84 6.41
C SER B 290 -20.20 26.07 7.11
N LEU B 291 -19.06 25.96 6.45
CA LEU B 291 -17.89 25.23 6.93
C LEU B 291 -16.64 26.04 6.59
N GLN B 292 -15.77 26.26 7.57
CA GLN B 292 -14.48 26.93 7.32
C GLN B 292 -13.36 25.90 7.35
N VAL B 293 -12.49 25.88 6.33
CA VAL B 293 -11.28 25.04 6.37
C VAL B 293 -10.10 26.00 6.35
N GLU B 294 -9.38 26.06 7.47
CA GLU B 294 -8.30 27.02 7.67
C GLU B 294 -6.97 26.42 7.25
N ASN B 295 -6.14 27.21 6.59
CA ASN B 295 -4.77 26.80 6.28
C ASN B 295 -3.82 27.97 6.52
N GLU B 296 -2.89 27.77 7.45
CA GLU B 296 -1.89 28.77 7.72
C GLU B 296 -0.81 28.68 6.64
N ILE B 297 -0.54 29.84 6.03
CA ILE B 297 0.53 30.02 5.07
C ILE B 297 1.58 30.84 5.79
N LEU B 298 2.81 30.32 5.84
CA LEU B 298 3.87 30.91 6.64
C LEU B 298 4.69 31.95 5.90
N PHE B 299 4.66 31.92 4.57
CA PHE B 299 5.33 32.96 3.81
C PHE B 299 4.75 33.17 2.41
N PRO B 300 4.88 34.40 1.90
CA PRO B 300 4.39 34.74 0.55
C PRO B 300 4.97 33.82 -0.53
N GLY B 301 4.18 33.51 -1.55
CA GLY B 301 4.66 32.69 -2.66
C GLY B 301 4.20 31.24 -2.64
N CYS B 302 3.79 30.73 -1.49
CA CYS B 302 3.15 29.43 -1.41
C CYS B 302 1.85 29.45 -2.23
N VAL B 303 1.48 28.28 -2.74
CA VAL B 303 0.27 28.09 -3.51
C VAL B 303 -0.69 27.19 -2.73
N LEU B 304 -1.93 27.64 -2.66
CA LEU B 304 -3.01 26.90 -2.04
C LEU B 304 -3.79 26.25 -3.19
N ARG B 305 -3.89 24.92 -3.19
CA ARG B 305 -4.55 24.14 -4.24
C ARG B 305 -5.65 23.26 -3.66
N TRP B 306 -6.81 23.26 -4.31
CA TRP B 306 -7.97 22.53 -3.80
C TRP B 306 -8.71 21.78 -4.90
N GLN B 307 -9.45 20.76 -4.47
CA GLN B 307 -10.45 20.11 -5.31
C GLN B 307 -11.62 19.73 -4.41
N PHE B 308 -12.83 19.85 -4.91
CA PHE B 308 -13.99 19.45 -4.13
C PHE B 308 -15.12 18.93 -5.00
N ALA B 309 -15.93 18.06 -4.41
CA ALA B 309 -17.17 17.57 -5.01
C ALA B 309 -18.31 17.74 -4.02
N SER B 310 -19.54 17.79 -4.53
CA SER B 310 -20.72 17.96 -3.68
C SER B 310 -21.74 16.87 -3.97
N ASP B 311 -22.45 16.45 -2.91
CA ASP B 311 -23.53 15.46 -3.01
C ASP B 311 -24.81 16.09 -2.46
N GLY B 312 -25.89 16.01 -3.23
CA GLY B 312 -27.18 16.58 -2.83
C GLY B 312 -27.60 17.66 -3.80
N GLY B 313 -26.72 18.63 -4.02
CA GLY B 313 -26.95 19.69 -5.00
C GLY B 313 -25.66 20.45 -5.18
N ASP B 314 -25.77 21.76 -5.31
CA ASP B 314 -24.61 22.62 -5.48
C ASP B 314 -24.03 23.07 -4.13
N ILE B 315 -22.96 23.85 -4.19
CA ILE B 315 -22.38 24.44 -2.98
C ILE B 315 -21.75 25.78 -3.32
N GLY B 316 -21.78 26.71 -2.36
CA GLY B 316 -21.08 27.98 -2.49
C GLY B 316 -19.65 27.85 -1.99
N PHE B 317 -18.72 28.50 -2.68
CA PHE B 317 -17.29 28.40 -2.35
C PHE B 317 -16.64 29.76 -2.52
N GLY B 318 -15.95 30.23 -1.48
CA GLY B 318 -15.09 31.40 -1.56
C GLY B 318 -13.85 31.22 -0.69
N VAL B 319 -12.91 32.16 -0.82
CA VAL B 319 -11.68 32.17 -0.04
C VAL B 319 -11.50 33.50 0.67
N PHE B 320 -11.16 33.42 1.96
CA PHE B 320 -10.95 34.57 2.83
C PHE B 320 -9.61 34.49 3.53
N LEU B 321 -9.18 35.63 4.05
CA LEU B 321 -7.95 35.79 4.78
C LEU B 321 -8.22 36.41 6.16
N LYS B 322 -7.79 35.74 7.22
CA LYS B 322 -7.96 36.28 8.58
C LYS B 322 -7.18 37.59 8.83
N THR B 323 -7.80 38.50 9.59
CA THR B 323 -7.17 39.76 10.00
C THR B 323 -6.44 39.67 11.35
N LYS B 324 -6.84 38.71 12.17
CA LYS B 324 -6.20 38.46 13.45
C LYS B 324 -6.05 36.95 13.66
N MET B 325 -4.90 36.51 14.16
CA MET B 325 -4.67 35.10 14.45
C MET B 325 -5.31 34.69 15.77
N GLY B 326 -5.56 33.39 15.91
CA GLY B 326 -6.17 32.84 17.12
C GLY B 326 -7.60 32.43 16.86
N GLU B 327 -8.52 33.07 17.58
CA GLU B 327 -9.96 32.72 17.53
C GLU B 327 -10.52 32.83 16.13
N GLN B 328 -11.62 32.13 15.89
CA GLN B 328 -12.22 32.13 14.56
C GLN B 328 -12.93 33.45 14.28
N GLN B 329 -12.80 33.93 13.05
CA GLN B 329 -13.46 35.14 12.61
C GLN B 329 -14.54 34.79 11.60
N SER B 330 -15.55 35.65 11.52
CA SER B 330 -16.63 35.49 10.54
C SER B 330 -16.23 36.14 9.21
N ALA B 331 -17.01 35.89 8.15
CA ALA B 331 -16.74 36.51 6.86
C ALA B 331 -16.83 38.06 6.92
N ARG B 332 -17.53 38.59 7.92
CA ARG B 332 -17.62 40.03 8.15
C ARG B 332 -16.28 40.67 8.58
N GLU B 333 -15.47 39.91 9.30
CA GLU B 333 -14.19 40.40 9.85
C GLU B 333 -12.98 40.11 8.97
N MET B 334 -13.12 39.19 8.03
CA MET B 334 -11.99 38.72 7.24
C MET B 334 -11.87 39.50 5.92
N THR B 335 -10.74 39.37 5.26
CA THR B 335 -10.56 39.92 3.92
C THR B 335 -11.09 38.94 2.89
N GLU B 336 -11.93 39.41 1.97
CA GLU B 336 -12.44 38.59 0.87
C GLU B 336 -11.35 38.50 -0.18
N VAL B 337 -10.89 37.27 -0.48
CA VAL B 337 -9.85 37.04 -1.49
C VAL B 337 -10.48 36.57 -2.81
N LEU B 338 -11.23 35.46 -2.76
CA LEU B 338 -11.97 34.94 -3.91
CA LEU B 338 -11.97 34.96 -3.92
C LEU B 338 -13.45 34.99 -3.56
N PRO B 339 -14.22 35.92 -4.19
CA PRO B 339 -15.65 36.07 -3.84
C PRO B 339 -16.42 34.77 -3.93
N SER B 340 -17.31 34.55 -2.97
CA SER B 340 -18.07 33.33 -2.94
C SER B 340 -19.03 33.23 -4.13
N GLN B 341 -19.02 32.07 -4.79
CA GLN B 341 -19.96 31.76 -5.87
C GLN B 341 -20.50 30.36 -5.72
N ARG B 342 -21.61 30.08 -6.37
CA ARG B 342 -22.23 28.76 -6.31
C ARG B 342 -21.74 27.90 -7.48
N TYR B 343 -21.38 26.66 -7.17
CA TYR B 343 -20.80 25.74 -8.17
C TYR B 343 -21.60 24.43 -8.21
N ASN B 344 -21.77 23.88 -9.42
CA ASN B 344 -22.43 22.59 -9.62
C ASN B 344 -21.43 21.47 -9.44
N ALA B 345 -20.89 21.37 -8.23
CA ALA B 345 -19.85 20.40 -7.92
C ALA B 345 -20.44 19.00 -7.74
N HIS B 346 -21.77 18.93 -7.75
CA HIS B 346 -22.49 17.65 -7.86
C HIS B 346 -22.54 17.13 -9.28
N MET B 347 -22.26 17.99 -10.27
CA MET B 347 -22.25 17.58 -11.66
C MET B 347 -20.82 17.42 -12.17
N VAL B 348 -20.06 18.51 -12.10
CA VAL B 348 -18.66 18.53 -12.47
C VAL B 348 -17.86 18.87 -11.21
N PRO B 349 -16.84 18.06 -10.87
CA PRO B 349 -16.08 18.35 -9.66
C PRO B 349 -15.26 19.62 -9.86
N GLU B 350 -15.04 20.40 -8.80
CA GLU B 350 -14.29 21.66 -8.92
C GLU B 350 -12.83 21.50 -8.52
N ASP B 351 -11.98 22.33 -9.11
CA ASP B 351 -10.61 22.46 -8.66
C ASP B 351 -10.14 23.88 -8.91
N GLY B 352 -9.16 24.30 -8.14
CA GLY B 352 -8.55 25.59 -8.37
C GLY B 352 -7.32 25.77 -7.51
N SER B 353 -6.73 26.94 -7.62
CA SER B 353 -5.59 27.31 -6.81
C SER B 353 -5.40 28.82 -6.81
N LEU B 354 -4.57 29.26 -5.87
CA LEU B 354 -4.29 30.65 -5.57
C LEU B 354 -2.84 30.80 -5.15
N THR B 355 -2.16 31.80 -5.68
CA THR B 355 -0.88 32.21 -5.14
C THR B 355 -1.10 33.10 -3.95
N CYS B 356 -0.54 32.71 -2.81
CA CYS B 356 -0.73 33.43 -1.56
C CYS B 356 0.28 34.58 -1.44
N LEU B 357 -0.21 35.83 -1.51
CA LEU B 357 0.69 36.99 -1.51
C LEU B 357 1.12 37.45 -0.13
N GLN B 358 0.40 37.06 0.91
CA GLN B 358 0.88 37.34 2.25
C GLN B 358 0.74 36.15 3.17
N ALA B 359 1.68 36.04 4.09
CA ALA B 359 1.60 35.08 5.16
C ALA B 359 0.32 35.39 5.94
N GLY B 360 -0.40 34.34 6.33
CA GLY B 360 -1.59 34.51 7.14
C GLY B 360 -2.40 33.23 7.07
N VAL B 361 -3.63 33.29 7.55
CA VAL B 361 -4.51 32.13 7.55
C VAL B 361 -5.59 32.29 6.47
N TYR B 362 -5.45 31.48 5.42
CA TYR B 362 -6.41 31.40 4.32
C TYR B 362 -7.50 30.40 4.60
N VAL B 363 -8.74 30.87 4.46
CA VAL B 363 -9.92 30.09 4.77
C VAL B 363 -10.75 29.79 3.53
N LEU B 364 -10.93 28.50 3.28
CA LEU B 364 -11.87 28.05 2.28
C LEU B 364 -13.23 27.96 2.93
N ARG B 365 -14.17 28.82 2.51
CA ARG B 365 -15.51 28.84 3.11
C ARG B 365 -16.48 28.18 2.17
N PHE B 366 -16.96 27.01 2.57
CA PHE B 366 -18.01 26.31 1.85
C PHE B 366 -19.34 26.81 2.43
N ASP B 367 -20.19 27.32 1.55
CA ASP B 367 -21.38 28.06 1.93
C ASP B 367 -22.64 27.29 1.51
N ASN B 368 -23.42 26.87 2.49
CA ASN B 368 -24.73 26.31 2.25
C ASN B 368 -25.84 27.13 2.93
N THR B 369 -25.51 28.36 3.34
CA THR B 369 -26.43 29.22 4.07
C THR B 369 -27.70 29.54 3.29
N TYR B 370 -27.57 29.60 1.97
CA TYR B 370 -28.70 29.89 1.09
C TYR B 370 -29.67 28.71 0.94
N SER B 371 -29.28 27.52 1.42
CA SER B 371 -30.04 26.30 1.17
C SER B 371 -30.75 25.75 2.41
N ARG B 372 -32.05 25.47 2.25
CA ARG B 372 -32.81 24.78 3.29
C ARG B 372 -33.15 23.37 2.82
N MET B 373 -32.15 22.67 2.28
CA MET B 373 -32.32 21.30 1.76
C MET B 373 -32.01 21.24 0.26
N ALA B 375 -29.67 19.58 2.50
CA ALA B 375 -28.33 19.20 2.96
C ALA B 375 -27.39 18.89 1.80
N LYS B 376 -26.09 19.00 2.07
CA LYS B 376 -25.06 18.68 1.09
C LYS B 376 -23.98 17.78 1.70
N LYS B 377 -23.57 16.75 0.95
CA LYS B 377 -22.31 16.04 1.25
C LYS B 377 -21.16 16.66 0.46
N LEU B 378 -20.10 17.04 1.17
CA LEU B 378 -18.93 17.68 0.58
C LEU B 378 -17.67 16.80 0.68
N SER B 379 -17.04 16.50 -0.47
CA SER B 379 -15.70 15.89 -0.52
C SER B 379 -14.69 16.93 -0.92
N TYR B 380 -13.52 16.93 -0.28
CA TYR B 380 -12.51 17.93 -0.53
C TYR B 380 -11.08 17.54 -0.13
N THR B 381 -10.13 18.11 -0.87
CA THR B 381 -8.70 18.08 -0.58
C THR B 381 -8.15 19.48 -0.76
N VAL B 382 -7.42 19.96 0.24
CA VAL B 382 -6.76 21.26 0.19
C VAL B 382 -5.33 21.09 0.62
N GLU B 383 -4.39 21.63 -0.15
CA GLU B 383 -2.98 21.46 0.16
C GLU B 383 -2.23 22.77 -0.03
N VAL B 384 -1.18 22.93 0.77
CA VAL B 384 -0.24 24.04 0.61
C VAL B 384 0.96 23.51 -0.18
N LEU B 385 1.28 24.17 -1.28
CA LEU B 385 2.43 23.83 -2.12
C LEU B 385 3.56 24.84 -1.89
N LEU B 386 4.71 24.34 -1.45
CA LEU B 386 5.88 25.18 -1.14
C LEU B 386 6.81 25.36 -2.34
N PRO B 387 7.46 26.54 -2.45
CA PRO B 387 8.57 26.69 -3.41
C PRO B 387 9.80 25.88 -2.99
N ASP B 388 10.42 25.22 -3.96
CA ASP B 388 11.77 24.68 -3.76
C ASP B 388 12.77 25.82 -3.52
N LYS B 389 13.43 25.82 -2.37
CA LYS B 389 14.23 26.97 -1.92
C LYS B 389 15.41 27.20 -2.84
N ALA B 390 16.10 26.14 -3.24
CA ALA B 390 17.28 26.28 -4.11
C ALA B 390 16.92 26.87 -5.48
N SER B 391 15.83 26.41 -6.09
CA SER B 391 15.30 26.97 -7.36
C SER B 391 14.96 28.44 -7.17
N GLU B 392 14.34 28.75 -6.05
CA GLU B 392 13.92 30.12 -5.74
C GLU B 392 15.13 31.03 -5.68
N GLU B 393 16.16 30.57 -4.97
CA GLU B 393 17.42 31.30 -4.82
C GLU B 393 18.13 31.46 -6.15
N THR B 394 18.06 30.44 -7.00
CA THR B 394 18.65 30.53 -8.33
C THR B 394 17.93 31.61 -9.15
N LEU B 395 16.59 31.63 -9.11
CA LEU B 395 15.85 32.64 -9.89
C LEU B 395 16.05 34.05 -9.35
N GLN B 396 16.31 34.16 -8.05
CA GLN B 396 16.72 35.45 -7.47
C GLN B 396 18.16 35.83 -7.85
N SER B 397 19.05 34.85 -8.02
CA SER B 397 20.45 35.13 -8.39
C SER B 397 20.65 35.57 -9.86
N MET B 398 19.64 35.37 -10.71
CA MET B 398 19.74 35.70 -12.14
C MET B 398 18.95 36.96 -12.48
#